data_6NAL
#
_entry.id   6NAL
#
_cell.length_a   141.070
_cell.length_b   85.430
_cell.length_c   102.440
_cell.angle_alpha   90.000
_cell.angle_beta   101.050
_cell.angle_gamma   90.000
#
_symmetry.space_group_name_H-M   'C 1 2 1'
#
loop_
_entity.id
_entity.type
_entity.pdbx_description
1 polymer 'Thiol-activated cytolysin'
2 non-polymer 'TETRAETHYLENE GLYCOL'
3 non-polymer IMIDAZOLE
4 water water
#
_entity_poly.entity_id   1
_entity_poly.type   'polypeptide(L)'
_entity_poly.pdbx_seq_one_letter_code
;GNNRALINDKLASLQYNPKTV(MSE)VFNGTSISNIDLPAEERFDDSTYIV(MSE)TREKCSYEADFDIAVPSAYEDVTY
PGALLVASNDLLDGKPQELAVDKDRVNITVDLPGATDISFKVVPTFANVRAGINDILSKWFDSHGGEWSLPANFQYSSSL
VYDENEL(MSE)LKFGCDISYLKQKLSIDFSSTRAEKKSVYLIRFKQIFYSVSAERPAKPADIFAESTTWEDLARAGISE
EHPPLFVKNVQYGRQIFLKFESKLSSTELETTIKGTCSKDGLKIDANASAALKEKLSQIDVSIVVHGGSEAVYNGLSLNS
(MSE)DDVQKINRIIWDNTLLSRTNTAAPLNYYTVFLKDGVSAGVHGTTEYVAEKTERYSGGEIRLEHSGWYVARFTVTW
DEISYENGLKVIRHKGWEGNGKDRTAPFSTTIPLRGNARNISIKTEGCTGLAWEWWRTSGYKVGRALVPLRTVSIGGTTL
HQTFS(MSE)TPAD
;
_entity_poly.pdbx_strand_id   A,B
#
# COMPACT_ATOMS: atom_id res chain seq x y z
N GLY A 1 27.93 16.79 41.78
CA GLY A 1 29.07 16.44 40.95
C GLY A 1 29.74 15.15 41.39
N ASN A 2 29.27 14.66 42.55
CA ASN A 2 29.77 13.44 43.18
C ASN A 2 29.17 12.18 42.58
N ASN A 3 27.96 12.27 42.04
CA ASN A 3 27.33 11.10 41.43
C ASN A 3 27.97 10.78 40.08
N ARG A 4 28.31 11.79 39.29
CA ARG A 4 28.96 11.57 38.00
C ARG A 4 30.30 10.90 38.18
N ALA A 5 31.04 11.29 39.20
CA ALA A 5 32.35 10.71 39.42
C ALA A 5 32.27 9.22 39.74
N LEU A 6 31.18 8.78 40.36
CA LEU A 6 30.97 7.34 40.57
C LEU A 6 30.60 6.64 39.27
N ILE A 7 29.80 7.31 38.42
CA ILE A 7 29.43 6.72 37.14
C ILE A 7 30.64 6.58 36.25
N ASN A 8 31.52 7.59 36.22
CA ASN A 8 32.74 7.46 35.44
C ASN A 8 33.57 6.28 35.90
N ASP A 9 33.80 6.16 37.20
CA ASP A 9 34.67 5.08 37.65
C ASP A 9 34.04 3.72 37.36
N LYS A 10 32.76 3.55 37.65
CA LYS A 10 32.12 2.25 37.37
C LYS A 10 32.07 1.97 35.86
N LEU A 11 31.91 3.00 35.03
CA LEU A 11 31.94 2.80 33.59
C LEU A 11 33.32 2.37 33.11
N ALA A 12 34.36 3.15 33.44
CA ALA A 12 35.73 2.82 33.05
C ALA A 12 36.14 1.43 33.54
N SER A 13 35.64 1.00 34.68
CA SER A 13 35.99 -0.31 35.19
C SER A 13 35.08 -1.41 34.64
N LEU A 14 34.16 -1.08 33.75
CA LEU A 14 33.25 -2.07 33.20
C LEU A 14 33.94 -2.78 32.03
N GLN A 15 34.38 -4.01 32.29
CA GLN A 15 35.23 -4.77 31.37
C GLN A 15 34.34 -5.65 30.49
N TYR A 16 34.43 -5.43 29.18
CA TYR A 16 33.67 -6.19 28.20
C TYR A 16 34.42 -6.04 26.90
N ASN A 17 34.21 -7.00 26.01
CA ASN A 17 34.90 -7.03 24.73
C ASN A 17 33.98 -6.42 23.67
N PRO A 18 34.32 -5.25 23.11
CA PRO A 18 33.36 -4.60 22.20
C PRO A 18 32.88 -5.51 21.08
N LYS A 19 33.72 -6.46 20.61
CA LYS A 19 33.36 -7.23 19.43
C LYS A 19 32.33 -8.32 19.69
N THR A 20 32.18 -8.79 20.93
CA THR A 20 31.33 -9.94 21.19
C THR A 20 30.10 -9.66 22.04
N VAL A 21 29.82 -8.41 22.37
CA VAL A 21 28.68 -8.20 23.27
C VAL A 21 27.36 -8.24 22.50
N VAL A 23 26.07 -9.84 18.71
CA VAL A 23 26.53 -10.70 17.61
C VAL A 23 25.36 -10.97 16.67
N PHE A 24 25.56 -10.73 15.37
CA PHE A 24 24.55 -11.11 14.39
C PHE A 24 24.41 -12.61 14.44
N ASN A 25 23.19 -13.11 14.34
CA ASN A 25 23.02 -14.53 14.17
C ASN A 25 22.29 -14.87 12.87
N GLY A 26 22.99 -15.57 11.99
CA GLY A 26 22.44 -15.91 10.70
C GLY A 26 21.94 -17.34 10.71
N THR A 27 21.29 -17.67 9.61
CA THR A 27 20.93 -19.05 9.34
C THR A 27 22.15 -19.96 9.31
N SER A 28 22.00 -21.12 9.86
CA SER A 28 22.94 -22.19 9.59
C SER A 28 22.23 -23.32 8.86
N ILE A 29 22.92 -23.89 7.90
CA ILE A 29 22.51 -25.11 7.22
C ILE A 29 23.53 -26.17 7.62
N SER A 30 23.09 -27.34 8.00
CA SER A 30 24.07 -28.30 8.55
C SER A 30 23.84 -29.68 7.94
N ASN A 31 24.32 -29.87 6.72
CA ASN A 31 23.91 -31.01 5.91
C ASN A 31 24.61 -30.90 4.56
N ILE A 32 25.21 -31.98 4.08
CA ILE A 32 25.92 -31.95 2.81
C ILE A 32 25.15 -32.70 1.71
N ASP A 33 23.90 -33.09 1.98
CA ASP A 33 23.15 -33.99 1.10
C ASP A 33 22.41 -33.19 0.03
N LEU A 34 23.18 -32.60 -0.88
CA LEU A 34 22.65 -31.75 -1.93
C LEU A 34 22.99 -32.29 -3.32
N PRO A 35 22.34 -33.39 -3.73
CA PRO A 35 22.70 -34.00 -5.02
C PRO A 35 22.02 -33.27 -6.16
N ALA A 36 22.69 -33.28 -7.30
CA ALA A 36 22.11 -32.73 -8.51
C ALA A 36 20.87 -33.50 -8.90
N GLU A 37 19.89 -32.80 -9.46
CA GLU A 37 18.66 -33.42 -9.90
C GLU A 37 18.28 -32.93 -11.30
N GLU A 38 17.48 -33.74 -11.98
CA GLU A 38 17.26 -33.57 -13.40
C GLU A 38 15.80 -33.82 -13.72
N ARG A 39 15.39 -33.27 -14.85
CA ARG A 39 14.14 -33.63 -15.46
C ARG A 39 14.15 -33.15 -16.89
N PHE A 40 13.14 -33.60 -17.62
CA PHE A 40 12.90 -33.20 -18.99
C PHE A 40 11.62 -32.42 -19.12
N ASP A 41 11.67 -31.38 -19.95
CA ASP A 41 10.49 -30.64 -20.41
C ASP A 41 10.46 -30.84 -21.93
N ASP A 42 9.90 -31.97 -22.36
CA ASP A 42 9.94 -32.44 -23.75
C ASP A 42 11.39 -32.73 -24.15
N SER A 43 11.91 -32.12 -25.22
CA SER A 43 13.29 -32.40 -25.58
C SER A 43 14.26 -31.60 -24.71
N THR A 44 13.77 -30.74 -23.85
CA THR A 44 14.65 -29.90 -23.05
C THR A 44 15.04 -30.60 -21.77
N TYR A 45 16.33 -30.49 -21.45
CA TYR A 45 16.94 -31.18 -20.33
C TYR A 45 17.29 -30.15 -19.27
N ILE A 46 16.82 -30.37 -18.05
CA ILE A 46 16.87 -29.34 -17.03
C ILE A 46 17.63 -29.92 -15.86
N VAL A 47 18.79 -29.36 -15.57
CA VAL A 47 19.62 -29.84 -14.47
C VAL A 47 19.67 -28.78 -13.38
N THR A 49 21.42 -27.87 -9.78
CA THR A 49 22.51 -28.12 -8.86
C THR A 49 22.40 -27.16 -7.67
N ARG A 50 22.85 -27.60 -6.49
CA ARG A 50 22.68 -26.84 -5.27
C ARG A 50 24.02 -26.71 -4.58
N GLU A 51 24.22 -25.56 -3.99
CA GLU A 51 25.49 -25.25 -3.33
C GLU A 51 25.21 -24.49 -2.06
N LYS A 52 25.93 -24.87 -1.03
CA LYS A 52 25.87 -24.27 0.28
C LYS A 52 26.85 -23.10 0.27
N CYS A 53 26.34 -21.90 0.63
CA CYS A 53 27.13 -20.68 0.66
C CYS A 53 26.85 -19.93 1.95
N SER A 54 27.76 -19.01 2.27
CA SER A 54 27.55 -18.03 3.31
C SER A 54 27.91 -16.65 2.78
N TYR A 55 27.23 -15.66 3.28
CA TYR A 55 27.42 -14.29 2.87
C TYR A 55 27.85 -13.54 4.11
N GLU A 56 28.88 -12.71 3.98
CA GLU A 56 29.51 -11.98 5.06
C GLU A 56 29.47 -10.52 4.66
N ALA A 57 29.02 -9.67 5.58
CA ALA A 57 29.01 -8.23 5.35
C ALA A 57 28.77 -7.44 6.64
N ASP A 58 29.18 -6.18 6.62
CA ASP A 58 28.84 -5.27 7.73
C ASP A 58 27.33 -5.11 7.83
N PHE A 59 26.78 -5.34 9.03
CA PHE A 59 25.33 -5.27 9.23
C PHE A 59 24.94 -3.83 9.50
N ASP A 60 24.13 -3.29 8.61
CA ASP A 60 23.51 -1.96 8.75
C ASP A 60 22.26 -2.03 9.61
N ILE A 61 22.16 -1.16 10.61
CA ILE A 61 21.06 -1.21 11.57
C ILE A 61 19.99 -0.23 11.11
N ALA A 62 18.84 -0.73 10.68
CA ALA A 62 17.70 0.10 10.36
C ALA A 62 17.06 0.68 11.61
N VAL A 63 16.53 1.89 11.47
CA VAL A 63 15.64 2.44 12.48
C VAL A 63 14.30 1.73 12.42
N PRO A 64 13.90 0.98 13.43
CA PRO A 64 12.60 0.33 13.34
C PRO A 64 11.46 1.33 13.41
N SER A 65 10.41 1.04 12.64
CA SER A 65 9.19 1.85 12.63
C SER A 65 8.65 2.12 14.03
N ALA A 66 8.75 1.15 14.91
CA ALA A 66 8.08 1.23 16.20
C ALA A 66 9.01 1.73 17.29
N TYR A 67 10.27 1.97 16.96
CA TYR A 67 11.22 2.53 17.92
C TYR A 67 11.94 3.77 17.40
N GLU A 68 11.28 4.57 16.55
CA GLU A 68 11.85 5.84 16.12
C GLU A 68 12.10 6.76 17.32
N ASP A 69 11.20 6.76 18.30
CA ASP A 69 11.34 7.64 19.48
C ASP A 69 12.39 7.17 20.47
N VAL A 70 13.11 6.08 20.17
CA VAL A 70 14.18 5.56 21.02
C VAL A 70 15.53 5.51 20.32
N THR A 71 15.58 5.86 19.04
CA THR A 71 16.81 5.73 18.30
C THR A 71 17.17 7.02 17.62
N TYR A 72 16.89 8.10 18.26
CA TYR A 72 17.20 9.43 17.76
C TYR A 72 18.62 9.81 18.14
N PRO A 73 19.17 10.80 17.46
CA PRO A 73 20.56 11.18 17.74
C PRO A 73 20.69 11.61 19.19
N GLY A 74 21.67 11.06 19.88
CA GLY A 74 21.88 11.34 21.28
C GLY A 74 21.05 10.50 22.22
N ALA A 75 20.25 9.56 21.71
CA ALA A 75 19.59 8.64 22.63
C ALA A 75 20.64 7.76 23.31
N LEU A 76 20.23 7.12 24.41
CA LEU A 76 21.04 6.10 25.07
C LEU A 76 20.28 4.78 25.06
N LEU A 77 21.03 3.68 24.95
CA LEU A 77 20.42 2.37 24.84
C LEU A 77 21.22 1.42 25.69
N VAL A 78 20.63 0.27 26.06
CA VAL A 78 21.42 -0.83 26.61
C VAL A 78 21.73 -1.84 25.50
N ALA A 79 23.00 -2.12 25.32
CA ALA A 79 23.39 -3.04 24.25
C ALA A 79 22.81 -4.41 24.52
N SER A 80 22.34 -5.05 23.46
CA SER A 80 21.56 -6.27 23.59
C SER A 80 21.41 -6.86 22.20
N ASN A 81 21.45 -8.19 22.11
CA ASN A 81 21.19 -8.82 20.83
C ASN A 81 19.84 -8.39 20.28
N ASP A 82 18.90 -8.03 21.14
CA ASP A 82 17.58 -7.65 20.61
C ASP A 82 17.61 -6.30 19.86
N LEU A 83 18.66 -5.50 20.00
CA LEU A 83 18.87 -4.39 19.09
C LEU A 83 19.04 -4.87 17.62
N LEU A 84 19.81 -5.93 17.39
CA LEU A 84 20.00 -6.40 16.01
C LEU A 84 18.70 -6.90 15.40
N ASP A 85 17.79 -7.44 16.23
CA ASP A 85 16.49 -7.96 15.81
C ASP A 85 15.41 -6.88 15.72
N GLY A 86 15.77 -5.60 15.81
CA GLY A 86 14.78 -4.54 15.66
C GLY A 86 14.02 -4.12 16.90
N LYS A 87 14.51 -4.48 18.10
CA LYS A 87 13.90 -4.08 19.38
C LYS A 87 14.93 -3.46 20.33
N PRO A 88 15.41 -2.27 20.02
CA PRO A 88 16.39 -1.62 20.89
C PRO A 88 15.76 -1.25 22.23
N GLN A 89 16.57 -1.35 23.28
CA GLN A 89 16.11 -1.22 24.66
C GLN A 89 16.54 0.16 25.13
N GLU A 90 15.56 1.04 25.31
CA GLU A 90 15.81 2.36 25.87
C GLU A 90 16.46 2.28 27.25
N LEU A 91 17.42 3.17 27.46
CA LEU A 91 18.04 3.44 28.76
C LEU A 91 17.42 4.73 29.28
N ALA A 92 16.34 4.60 30.04
CA ALA A 92 15.51 5.75 30.41
C ALA A 92 16.04 6.35 31.72
N VAL A 93 16.88 7.37 31.58
CA VAL A 93 17.34 8.17 32.71
C VAL A 93 17.39 9.64 32.29
N ASP A 94 17.58 10.50 33.28
CA ASP A 94 17.61 11.93 33.02
C ASP A 94 18.99 12.31 32.51
N LYS A 95 19.02 13.21 31.54
CA LYS A 95 20.27 13.54 30.89
C LYS A 95 20.54 15.04 30.91
N ASP A 96 21.81 15.37 30.70
CA ASP A 96 22.26 16.75 30.50
C ASP A 96 22.43 17.02 29.00
N ARG A 97 22.92 18.24 28.68
CA ARG A 97 22.88 18.76 27.32
C ARG A 97 23.96 18.14 26.44
N VAL A 98 23.64 18.03 25.15
CA VAL A 98 24.51 17.42 24.15
C VAL A 98 24.46 18.24 22.88
N ASN A 99 25.59 18.29 22.17
CA ASN A 99 25.62 18.99 20.89
C ASN A 99 25.09 18.09 19.79
N ILE A 100 24.04 18.57 19.13
CA ILE A 100 23.36 17.89 18.04
C ILE A 100 23.68 18.68 16.77
N THR A 101 24.12 17.99 15.73
CA THR A 101 24.54 18.67 14.50
C THR A 101 23.76 18.07 13.33
N VAL A 102 23.12 18.94 12.56
CA VAL A 102 22.39 18.57 11.36
C VAL A 102 23.31 18.83 10.18
N ASP A 103 23.54 17.81 9.37
CA ASP A 103 24.39 17.96 8.20
C ASP A 103 23.49 17.99 6.98
N LEU A 104 23.24 19.22 6.44
CA LEU A 104 22.52 19.21 5.18
C LEU A 104 23.45 19.52 4.03
N PRO A 105 23.24 18.88 2.89
CA PRO A 105 24.17 19.01 1.74
C PRO A 105 24.06 20.39 1.14
N GLY A 106 25.21 20.94 0.79
CA GLY A 106 25.28 22.30 0.31
C GLY A 106 25.17 23.36 1.38
N ALA A 107 24.88 22.98 2.62
CA ALA A 107 24.78 23.91 3.73
C ALA A 107 25.94 23.70 4.68
N THR A 108 26.26 24.75 5.44
CA THR A 108 27.22 24.62 6.53
C THR A 108 26.53 24.01 7.76
N ASP A 109 27.20 23.06 8.40
CA ASP A 109 26.58 22.29 9.48
C ASP A 109 26.15 23.19 10.64
N ILE A 110 24.85 23.17 10.94
CA ILE A 110 24.28 23.93 12.05
C ILE A 110 24.12 22.99 13.23
N SER A 111 24.52 23.43 14.41
CA SER A 111 24.32 22.62 15.61
C SER A 111 23.54 23.37 16.70
N PHE A 112 23.08 22.59 17.65
CA PHE A 112 22.25 23.08 18.73
C PHE A 112 22.48 22.14 19.90
N LYS A 113 22.39 22.70 21.09
CA LYS A 113 22.69 22.00 22.32
C LYS A 113 21.39 21.87 23.06
N VAL A 114 21.00 20.66 23.42
CA VAL A 114 19.80 20.43 24.22
C VAL A 114 19.96 19.11 24.97
N VAL A 115 19.09 18.91 25.96
CA VAL A 115 19.06 17.62 26.64
C VAL A 115 18.50 16.58 25.67
N PRO A 116 19.22 15.49 25.37
CA PRO A 116 18.76 14.57 24.32
C PRO A 116 17.49 13.85 24.71
N THR A 117 16.38 14.41 24.27
CA THR A 117 15.08 13.73 24.35
C THR A 117 14.44 13.79 22.97
N PHE A 118 13.65 12.77 22.67
CA PHE A 118 13.00 12.70 21.36
C PHE A 118 12.32 14.01 21.01
N ALA A 119 11.55 14.58 21.94
CA ALA A 119 10.80 15.79 21.61
C ALA A 119 11.76 16.96 21.41
N ASN A 120 12.82 17.02 22.19
CA ASN A 120 13.81 18.08 22.01
C ASN A 120 14.65 17.87 20.74
N VAL A 121 15.10 16.64 20.47
CA VAL A 121 15.92 16.48 19.29
C VAL A 121 15.05 16.72 18.07
N ARG A 122 13.80 16.25 18.09
CA ARG A 122 12.95 16.38 16.91
C ARG A 122 12.67 17.85 16.61
N ALA A 123 12.29 18.61 17.64
CA ALA A 123 12.02 20.03 17.44
C ALA A 123 13.23 20.76 16.88
N GLY A 124 14.42 20.53 17.47
CA GLY A 124 15.63 21.15 16.96
C GLY A 124 15.93 20.82 15.51
N ILE A 125 15.73 19.55 15.13
CA ILE A 125 15.98 19.14 13.74
C ILE A 125 15.01 19.86 12.82
N ASN A 126 13.73 19.87 13.21
CA ASN A 126 12.71 20.46 12.36
C ASN A 126 12.83 21.98 12.28
N ASP A 127 13.45 22.60 13.28
CA ASP A 127 13.71 24.03 13.19
C ASP A 127 14.78 24.31 12.15
N ILE A 128 15.98 23.73 12.32
CA ILE A 128 17.03 23.86 11.31
C ILE A 128 16.52 23.52 9.91
N LEU A 129 15.66 22.50 9.80
CA LEU A 129 15.07 22.17 8.52
C LEU A 129 14.22 23.32 7.99
N SER A 130 13.42 23.93 8.88
CA SER A 130 12.59 25.07 8.50
C SER A 130 13.44 26.19 7.93
N LYS A 131 14.52 26.54 8.62
CA LYS A 131 15.33 27.65 8.15
C LYS A 131 15.99 27.31 6.84
N TRP A 132 16.20 26.03 6.55
CA TRP A 132 16.86 25.73 5.30
C TRP A 132 15.91 25.77 4.13
N PHE A 133 14.69 25.22 4.26
CA PHE A 133 13.80 25.39 3.13
C PHE A 133 12.90 26.62 3.28
N ASP A 134 12.82 27.25 4.45
CA ASP A 134 12.30 28.63 4.43
C ASP A 134 13.25 29.59 3.73
N SER A 135 14.38 29.08 3.20
CA SER A 135 15.34 29.89 2.46
C SER A 135 15.56 29.37 1.04
N HIS A 136 14.75 28.43 0.56
CA HIS A 136 14.75 27.95 -0.84
C HIS A 136 13.33 28.01 -1.40
N GLY A 137 12.74 29.18 -1.26
CA GLY A 137 11.34 29.37 -1.51
C GLY A 137 10.53 29.01 -0.28
N GLY A 138 9.34 28.49 -0.50
CA GLY A 138 8.56 27.92 0.57
C GLY A 138 9.34 26.76 1.14
N GLU A 139 9.31 25.61 0.46
CA GLU A 139 9.99 24.41 0.93
C GLU A 139 10.25 23.50 -0.25
N TRP A 140 11.52 23.25 -0.57
CA TRP A 140 11.76 22.66 -1.88
C TRP A 140 12.66 21.44 -1.98
N SER A 141 13.09 21.20 -3.23
CA SER A 141 13.05 19.92 -3.88
C SER A 141 14.40 19.25 -3.95
N LEU A 142 14.37 17.94 -4.20
CA LEU A 142 15.57 17.13 -4.24
C LEU A 142 15.41 16.00 -5.24
N PRO A 143 16.19 16.01 -6.30
CA PRO A 143 16.00 15.04 -7.37
C PRO A 143 16.56 13.68 -6.99
N ALA A 144 15.97 12.65 -7.60
CA ALA A 144 16.25 11.28 -7.21
C ALA A 144 17.68 10.88 -7.59
N ASN A 145 18.44 10.41 -6.60
CA ASN A 145 19.83 9.98 -6.80
C ASN A 145 20.06 8.80 -5.85
N PHE A 146 19.98 7.57 -6.38
CA PHE A 146 19.76 6.41 -5.54
C PHE A 146 21.01 5.55 -5.50
N GLN A 147 21.28 4.99 -4.32
CA GLN A 147 22.07 3.77 -4.21
C GLN A 147 21.20 2.55 -4.55
N TYR A 148 21.82 1.58 -5.21
CA TYR A 148 21.10 0.49 -5.84
C TYR A 148 21.62 -0.82 -5.24
N SER A 149 20.70 -1.73 -4.94
CA SER A 149 21.05 -3.05 -4.42
C SER A 149 20.07 -4.06 -4.98
N SER A 150 20.56 -5.24 -5.34
CA SER A 150 19.67 -6.30 -5.83
C SER A 150 20.26 -7.66 -5.50
N SER A 151 19.39 -8.65 -5.33
CA SER A 151 19.86 -9.98 -4.96
C SER A 151 18.65 -10.87 -4.84
N LEU A 152 18.80 -12.12 -5.25
CA LEU A 152 17.94 -13.19 -4.76
C LEU A 152 18.03 -13.23 -3.25
N VAL A 153 16.97 -13.68 -2.59
CA VAL A 153 16.97 -13.77 -1.13
C VAL A 153 16.40 -15.14 -0.73
N TYR A 154 17.18 -15.87 0.06
CA TYR A 154 16.81 -17.20 0.48
C TYR A 154 15.91 -17.14 1.67
N ASP A 155 16.20 -16.29 2.65
CA ASP A 155 15.36 -16.19 3.85
C ASP A 155 15.53 -14.81 4.49
N GLU A 156 14.83 -14.61 5.61
CA GLU A 156 14.80 -13.30 6.24
C GLU A 156 16.20 -12.83 6.62
N ASN A 157 17.14 -13.76 6.85
CA ASN A 157 18.43 -13.33 7.36
C ASN A 157 19.35 -12.87 6.25
N GLU A 158 19.23 -13.46 5.07
CA GLU A 158 19.99 -12.95 3.95
C GLU A 158 19.47 -11.57 3.61
N LEU A 159 18.16 -11.38 3.73
CA LEU A 159 17.54 -10.09 3.48
C LEU A 159 18.10 -9.04 4.40
N LEU A 161 20.74 -8.93 6.13
CA LEU A 161 22.18 -8.67 6.03
C LEU A 161 22.58 -7.94 4.74
N LYS A 162 21.89 -8.18 3.65
CA LYS A 162 22.28 -7.58 2.38
C LYS A 162 21.70 -6.19 2.24
N PHE A 163 20.51 -5.97 2.79
CA PHE A 163 19.76 -4.74 2.63
C PHE A 163 19.67 -3.86 3.87
N GLY A 164 20.17 -4.29 5.02
CA GLY A 164 20.15 -3.44 6.20
C GLY A 164 18.81 -2.83 6.55
N CYS A 165 17.74 -3.58 6.38
CA CYS A 165 16.41 -3.01 6.54
C CYS A 165 15.71 -3.57 7.78
N ASP A 166 14.54 -2.99 8.05
CA ASP A 166 13.72 -3.35 9.21
C ASP A 166 12.79 -4.46 8.76
N ILE A 167 13.15 -5.72 9.02
CA ILE A 167 12.36 -6.83 8.52
C ILE A 167 10.90 -6.68 8.93
N SER A 168 10.68 -6.26 10.17
CA SER A 168 9.33 -6.16 10.69
C SER A 168 8.47 -5.28 9.78
N TYR A 169 8.95 -4.08 9.45
CA TYR A 169 8.24 -3.19 8.52
C TYR A 169 8.03 -3.87 7.17
N LEU A 170 9.09 -4.44 6.62
CA LEU A 170 9.02 -4.98 5.27
C LEU A 170 8.15 -6.22 5.22
N LYS A 171 8.03 -6.94 6.33
CA LYS A 171 7.13 -8.10 6.36
C LYS A 171 5.67 -7.63 6.31
N GLN A 172 5.34 -6.60 7.09
CA GLN A 172 4.01 -6.00 7.00
C GLN A 172 3.68 -5.62 5.56
N LYS A 173 4.49 -4.75 4.96
CA LYS A 173 4.07 -4.05 3.75
C LYS A 173 4.22 -4.92 2.50
N LEU A 174 5.38 -5.57 2.32
CA LEU A 174 5.59 -6.40 1.14
C LEU A 174 5.02 -7.79 1.28
N SER A 175 4.49 -8.13 2.45
CA SER A 175 3.97 -9.47 2.73
C SER A 175 4.99 -10.54 2.32
N ILE A 176 6.04 -10.58 3.13
CA ILE A 176 7.16 -11.50 3.01
C ILE A 176 6.94 -12.62 4.03
N ASP A 177 6.78 -13.85 3.57
CA ASP A 177 6.74 -15.00 4.49
C ASP A 177 7.39 -16.16 3.75
N PHE A 178 8.56 -16.56 4.19
CA PHE A 178 9.31 -17.54 3.42
C PHE A 178 8.85 -18.96 3.62
N SER A 179 8.13 -19.26 4.70
CA SER A 179 7.54 -20.59 4.83
C SER A 179 6.44 -20.80 3.78
N SER A 180 5.58 -19.79 3.55
CA SER A 180 4.58 -19.94 2.49
C SER A 180 5.25 -20.02 1.12
N THR A 181 6.36 -19.30 0.93
CA THR A 181 6.97 -19.15 -0.39
C THR A 181 7.68 -20.42 -0.82
N ARG A 182 8.42 -21.05 0.11
CA ARG A 182 9.10 -22.30 -0.26
C ARG A 182 8.10 -23.46 -0.26
N ALA A 183 7.02 -23.38 0.52
CA ALA A 183 5.97 -24.41 0.47
C ALA A 183 5.33 -24.48 -0.92
N GLU A 184 5.19 -23.35 -1.59
CA GLU A 184 4.86 -23.35 -3.01
C GLU A 184 6.21 -23.49 -3.70
N LYS A 185 6.33 -23.39 -5.02
CA LYS A 185 7.69 -23.58 -5.53
C LYS A 185 8.36 -22.23 -5.87
N LYS A 186 8.07 -21.18 -5.11
CA LYS A 186 8.38 -19.79 -5.46
C LYS A 186 9.78 -19.37 -4.99
N SER A 187 10.40 -18.51 -5.80
CA SER A 187 11.63 -17.83 -5.50
C SER A 187 11.39 -16.33 -5.45
N VAL A 188 12.35 -15.60 -4.84
CA VAL A 188 12.17 -14.17 -4.57
C VAL A 188 13.41 -13.39 -4.97
N TYR A 189 13.22 -12.32 -5.71
CA TYR A 189 14.29 -11.39 -6.01
C TYR A 189 13.94 -9.99 -5.48
N LEU A 190 14.92 -9.31 -4.91
CA LEU A 190 14.66 -8.04 -4.26
C LEU A 190 15.59 -6.94 -4.73
N ILE A 191 15.02 -5.81 -5.09
CA ILE A 191 15.76 -4.62 -5.46
C ILE A 191 15.44 -3.52 -4.46
N ARG A 192 16.45 -2.74 -4.09
CA ARG A 192 16.27 -1.58 -3.26
C ARG A 192 16.95 -0.37 -3.86
N PHE A 193 16.20 0.72 -3.99
CA PHE A 193 16.74 2.05 -4.29
C PHE A 193 16.77 2.86 -3.01
N LYS A 194 17.94 3.41 -2.66
CA LYS A 194 18.05 4.12 -1.39
C LYS A 194 18.69 5.48 -1.56
N GLN A 195 18.03 6.51 -1.03
CA GLN A 195 18.60 7.85 -1.08
C GLN A 195 18.59 8.51 0.29
N ILE A 196 19.76 9.01 0.70
CA ILE A 196 19.92 9.74 1.95
C ILE A 196 19.78 11.23 1.67
N PHE A 197 18.81 11.89 2.32
CA PHE A 197 18.65 13.34 2.12
C PHE A 197 19.56 14.11 3.05
N TYR A 198 19.50 13.81 4.34
CA TYR A 198 20.41 14.44 5.30
C TYR A 198 20.72 13.50 6.48
N SER A 199 21.70 13.92 7.29
CA SER A 199 22.09 13.19 8.49
C SER A 199 22.07 14.09 9.72
N VAL A 200 21.95 13.46 10.89
CA VAL A 200 22.02 14.14 12.17
C VAL A 200 22.90 13.33 13.11
N SER A 201 23.94 13.97 13.64
CA SER A 201 24.92 13.34 14.51
C SER A 201 24.86 13.99 15.89
N ALA A 202 25.50 13.36 16.85
CA ALA A 202 25.54 13.86 18.21
C ALA A 202 26.91 13.55 18.80
N GLU A 203 27.51 14.51 19.48
CA GLU A 203 28.86 14.36 20.02
C GLU A 203 28.78 13.75 21.42
N ARG A 204 29.48 12.69 21.61
CA ARG A 204 29.53 12.08 22.92
C ARG A 204 30.46 12.92 23.80
N PRO A 205 30.10 13.13 25.06
CA PRO A 205 30.93 13.96 25.92
C PRO A 205 32.26 13.27 26.19
N ALA A 206 33.31 14.10 26.27
CA ALA A 206 34.66 13.64 26.60
C ALA A 206 34.62 12.65 27.74
N LYS A 207 34.33 13.11 28.95
CA LYS A 207 34.07 12.19 30.05
C LYS A 207 32.62 11.71 29.96
N PRO A 208 32.37 10.41 29.91
CA PRO A 208 31.04 9.92 29.50
C PRO A 208 29.93 10.32 30.45
N ALA A 209 30.21 10.36 31.76
CA ALA A 209 29.18 10.65 32.74
C ALA A 209 28.51 12.00 32.49
N ASP A 210 29.19 12.90 31.80
CA ASP A 210 28.60 14.21 31.48
C ASP A 210 27.28 14.14 30.70
N ILE A 211 26.97 13.00 30.07
CA ILE A 211 25.67 12.84 29.43
C ILE A 211 24.54 12.77 30.44
N PHE A 212 24.82 12.40 31.69
CA PHE A 212 23.75 12.27 32.66
C PHE A 212 23.53 13.57 33.44
N ALA A 213 22.28 13.80 33.80
CA ALA A 213 21.97 14.84 34.79
C ALA A 213 22.68 14.56 36.12
N GLU A 214 22.96 15.63 36.85
CA GLU A 214 23.69 15.51 38.11
C GLU A 214 22.97 14.63 39.12
N SER A 215 21.62 14.56 39.02
CA SER A 215 20.84 13.72 39.92
C SER A 215 20.97 12.24 39.68
N THR A 216 21.40 11.82 38.48
CA THR A 216 21.42 10.40 38.11
C THR A 216 22.59 9.70 38.80
N THR A 217 22.38 8.48 39.21
CA THR A 217 23.41 7.74 39.92
C THR A 217 23.69 6.43 39.18
N TRP A 218 24.80 5.80 39.54
CA TRP A 218 25.12 4.50 39.00
C TRP A 218 23.96 3.55 39.23
N GLU A 219 23.34 3.65 40.41
CA GLU A 219 22.28 2.72 40.76
C GLU A 219 21.06 2.86 39.84
N ASP A 220 20.81 4.05 39.32
CA ASP A 220 19.74 4.16 38.33
C ASP A 220 20.07 3.43 37.04
N LEU A 221 21.33 3.48 36.60
CA LEU A 221 21.73 2.77 35.39
C LEU A 221 21.59 1.26 35.59
N ALA A 222 22.11 0.70 36.70
CA ALA A 222 22.02 -0.74 36.92
C ALA A 222 20.57 -1.22 36.95
N ARG A 223 19.68 -0.44 37.55
CA ARG A 223 18.25 -0.78 37.58
C ARG A 223 17.64 -0.80 36.18
N ALA A 224 18.15 0.01 35.26
CA ALA A 224 17.64 0.03 33.89
C ALA A 224 18.19 -1.09 33.01
N GLY A 225 19.21 -1.84 33.48
CA GLY A 225 19.75 -2.93 32.68
C GLY A 225 21.26 -2.96 32.51
N ILE A 226 21.94 -1.87 32.86
CA ILE A 226 23.36 -1.75 32.56
C ILE A 226 24.18 -2.71 33.40
N SER A 227 25.21 -3.29 32.77
CA SER A 227 26.05 -4.34 33.36
C SER A 227 27.08 -4.72 32.31
N GLU A 228 28.00 -5.63 32.63
CA GLU A 228 29.05 -5.98 31.67
C GLU A 228 28.50 -6.70 30.45
N GLU A 229 27.43 -7.47 30.61
CA GLU A 229 26.78 -8.10 29.45
C GLU A 229 25.91 -7.13 28.65
N HIS A 230 25.55 -5.97 29.21
CA HIS A 230 24.70 -5.01 28.52
C HIS A 230 25.23 -3.60 28.74
N PRO A 231 26.41 -3.32 28.22
CA PRO A 231 26.99 -1.95 28.36
C PRO A 231 26.11 -0.91 27.69
N PRO A 232 26.25 0.36 28.08
CA PRO A 232 25.40 1.40 27.51
C PRO A 232 25.93 1.83 26.16
N LEU A 233 24.99 2.20 25.29
CA LEU A 233 25.34 2.75 23.98
C LEU A 233 24.75 4.14 23.77
N PHE A 234 25.34 4.83 22.79
CA PHE A 234 25.03 6.21 22.45
C PHE A 234 24.81 6.31 20.95
N VAL A 235 23.60 6.70 20.54
CA VAL A 235 23.27 6.91 19.15
C VAL A 235 24.04 8.12 18.65
N LYS A 236 25.07 7.83 17.86
CA LYS A 236 25.93 8.86 17.31
C LYS A 236 25.39 9.51 16.03
N ASN A 237 24.59 8.78 15.26
CA ASN A 237 24.22 9.32 13.96
C ASN A 237 23.01 8.56 13.43
N VAL A 238 22.06 9.31 12.87
CA VAL A 238 20.92 8.78 12.14
C VAL A 238 20.90 9.41 10.77
N GLN A 239 20.57 8.61 9.76
CA GLN A 239 20.42 9.10 8.40
C GLN A 239 18.96 9.13 8.06
N TYR A 240 18.55 10.12 7.29
CA TYR A 240 17.16 10.30 6.93
C TYR A 240 17.03 10.39 5.41
N GLY A 241 15.99 9.79 4.87
CA GLY A 241 15.85 9.86 3.45
C GLY A 241 14.68 9.07 2.94
N ARG A 242 14.88 8.33 1.84
CA ARG A 242 13.80 7.69 1.09
C ARG A 242 14.29 6.33 0.59
N GLN A 243 13.37 5.41 0.45
CA GLN A 243 13.73 4.03 0.20
C GLN A 243 12.59 3.44 -0.60
N ILE A 244 12.96 2.74 -1.66
CA ILE A 244 12.05 2.00 -2.50
C ILE A 244 12.51 0.55 -2.56
N PHE A 245 11.58 -0.36 -2.34
CA PHE A 245 11.82 -1.79 -2.45
C PHE A 245 10.94 -2.34 -3.55
N LEU A 246 11.52 -3.18 -4.42
CA LEU A 246 10.75 -3.94 -5.41
C LEU A 246 10.94 -5.43 -5.18
N LYS A 247 9.86 -6.14 -4.94
CA LYS A 247 9.90 -7.57 -4.68
C LYS A 247 9.35 -8.30 -5.89
N PHE A 248 10.15 -9.20 -6.45
CA PHE A 248 9.73 -10.03 -7.59
C PHE A 248 9.64 -11.48 -7.10
N GLU A 249 8.47 -12.07 -7.25
CA GLU A 249 8.15 -13.40 -6.78
C GLU A 249 7.63 -14.20 -7.96
N SER A 250 8.10 -15.45 -8.10
CA SER A 250 7.79 -16.24 -9.29
C SER A 250 7.86 -17.70 -8.96
N LYS A 251 7.13 -18.52 -9.71
CA LYS A 251 7.37 -19.97 -9.64
C LYS A 251 8.53 -20.40 -10.53
N LEU A 252 8.95 -19.54 -11.47
CA LEU A 252 10.21 -19.74 -12.18
C LEU A 252 11.35 -20.11 -11.24
N SER A 253 12.40 -20.72 -11.79
CA SER A 253 13.59 -21.03 -11.01
C SER A 253 14.33 -19.75 -10.61
N SER A 254 15.08 -19.84 -9.50
CA SER A 254 15.94 -18.74 -9.09
C SER A 254 16.78 -18.23 -10.25
N THR A 255 17.37 -19.15 -11.01
CA THR A 255 18.31 -18.74 -12.05
C THR A 255 17.58 -17.97 -13.15
N GLU A 256 16.40 -18.47 -13.53
CA GLU A 256 15.64 -17.82 -14.59
C GLU A 256 14.97 -16.54 -14.08
N LEU A 257 14.52 -16.51 -12.82
CA LEU A 257 14.04 -15.25 -12.26
C LEU A 257 15.15 -14.20 -12.28
N GLU A 258 16.33 -14.52 -11.73
CA GLU A 258 17.42 -13.56 -11.69
C GLU A 258 17.82 -13.09 -13.09
N THR A 259 17.89 -14.01 -14.06
CA THR A 259 18.29 -13.60 -15.39
C THR A 259 17.26 -12.67 -16.05
N THR A 260 15.97 -12.98 -15.90
CA THR A 260 14.93 -12.16 -16.51
C THR A 260 14.94 -10.75 -15.93
N ILE A 261 14.96 -10.65 -14.59
CA ILE A 261 14.99 -9.35 -13.95
C ILE A 261 16.29 -8.61 -14.25
N LYS A 262 17.42 -9.34 -14.33
CA LYS A 262 18.68 -8.63 -14.53
C LYS A 262 18.76 -8.01 -15.91
N GLY A 263 17.91 -8.45 -16.82
CA GLY A 263 17.98 -7.93 -18.17
C GLY A 263 16.91 -6.91 -18.45
N THR A 264 15.92 -6.85 -17.57
CA THR A 264 14.84 -5.89 -17.73
C THR A 264 14.82 -4.82 -16.65
N CYS A 265 15.63 -4.96 -15.59
CA CYS A 265 15.68 -3.98 -14.51
C CYS A 265 17.11 -3.72 -14.06
N SER A 266 17.35 -2.47 -13.65
CA SER A 266 18.69 -1.97 -13.33
C SER A 266 18.54 -0.73 -12.46
N LYS A 267 19.68 -0.06 -12.18
CA LYS A 267 19.66 1.20 -11.46
C LYS A 267 18.94 2.28 -12.24
N ASP A 268 18.74 2.11 -13.55
CA ASP A 268 17.99 3.10 -14.33
C ASP A 268 16.49 2.86 -14.34
N GLY A 269 16.05 1.71 -13.85
CA GLY A 269 14.64 1.42 -13.80
C GLY A 269 14.37 0.20 -14.65
N LEU A 270 13.13 0.20 -15.17
CA LEU A 270 12.70 -0.95 -15.96
C LEU A 270 12.67 -0.56 -17.44
N LYS A 271 13.56 -1.16 -18.22
CA LYS A 271 13.63 -0.98 -19.67
C LYS A 271 13.19 -2.33 -20.24
N ILE A 272 11.88 -2.51 -20.31
CA ILE A 272 11.30 -3.70 -20.90
C ILE A 272 10.50 -3.22 -22.09
N ASP A 273 10.81 -3.76 -23.27
CA ASP A 273 10.23 -3.22 -24.48
C ASP A 273 9.79 -4.35 -25.42
N ALA A 274 8.97 -3.95 -26.40
CA ALA A 274 8.09 -4.89 -27.09
C ALA A 274 8.85 -5.77 -28.07
N ASN A 275 9.25 -5.19 -29.20
CA ASN A 275 9.35 -5.94 -30.44
C ASN A 275 10.66 -6.68 -30.61
N ALA A 276 11.29 -7.09 -29.53
CA ALA A 276 12.46 -7.95 -29.68
C ALA A 276 12.37 -9.16 -28.77
N SER A 277 11.16 -9.61 -28.42
CA SER A 277 11.08 -10.82 -27.62
C SER A 277 9.65 -11.32 -27.51
N ALA A 278 9.52 -12.64 -27.31
CA ALA A 278 8.21 -13.28 -27.30
C ALA A 278 8.05 -14.33 -26.22
N ALA A 279 9.02 -15.22 -26.04
CA ALA A 279 8.94 -16.12 -24.87
C ALA A 279 9.39 -15.42 -23.60
N LEU A 280 10.21 -14.37 -23.72
CA LEU A 280 10.47 -13.49 -22.58
C LEU A 280 9.16 -13.08 -21.92
N LYS A 281 8.13 -12.77 -22.71
CA LYS A 281 6.90 -12.28 -22.12
C LYS A 281 6.19 -13.36 -21.31
N GLU A 282 6.13 -14.60 -21.79
CA GLU A 282 5.49 -15.63 -20.97
C GLU A 282 6.28 -15.89 -19.69
N LYS A 283 7.60 -15.64 -19.69
CA LYS A 283 8.34 -15.58 -18.44
C LYS A 283 7.82 -14.43 -17.58
N LEU A 284 7.93 -13.20 -18.11
CA LEU A 284 7.48 -12.00 -17.41
C LEU A 284 6.07 -12.14 -16.82
N SER A 285 5.16 -12.76 -17.58
CA SER A 285 3.80 -12.93 -17.11
C SER A 285 3.73 -13.74 -15.83
N GLN A 286 4.79 -14.48 -15.53
CA GLN A 286 4.83 -15.33 -14.36
C GLN A 286 5.45 -14.63 -13.17
N ILE A 287 5.78 -13.35 -13.30
CA ILE A 287 6.46 -12.61 -12.24
C ILE A 287 5.50 -11.59 -11.64
N ASP A 288 5.23 -11.75 -10.35
CA ASP A 288 4.41 -10.82 -9.57
C ASP A 288 5.28 -9.74 -8.92
N VAL A 289 4.91 -8.48 -9.11
CA VAL A 289 5.68 -7.34 -8.60
C VAL A 289 4.96 -6.71 -7.42
N SER A 290 5.73 -6.39 -6.38
CA SER A 290 5.23 -5.67 -5.22
C SER A 290 6.21 -4.55 -4.95
N ILE A 291 5.71 -3.43 -4.47
CA ILE A 291 6.53 -2.24 -4.27
C ILE A 291 6.12 -1.52 -3.01
N VAL A 292 7.10 -1.10 -2.25
CA VAL A 292 6.86 -0.28 -1.10
C VAL A 292 7.78 0.93 -1.18
N VAL A 293 7.20 2.09 -0.90
CA VAL A 293 7.90 3.35 -0.96
C VAL A 293 7.80 4.01 0.42
N HIS A 294 8.93 4.46 0.96
CA HIS A 294 9.02 4.85 2.37
C HIS A 294 9.90 6.10 2.44
N GLY A 295 9.36 7.19 3.01
CA GLY A 295 10.11 8.43 3.10
C GLY A 295 9.79 9.36 1.94
N GLY A 296 9.46 10.60 2.24
CA GLY A 296 8.76 11.45 1.26
C GLY A 296 7.30 11.01 1.17
N SER A 297 6.77 10.88 -0.04
CA SER A 297 5.67 9.95 -0.30
C SER A 297 5.68 8.70 0.59
N GLU A 298 4.53 8.03 0.73
CA GLU A 298 4.49 6.73 1.35
C GLU A 298 3.48 5.97 0.53
N ALA A 299 3.88 4.85 -0.07
CA ALA A 299 2.95 4.09 -0.89
C ALA A 299 3.32 2.62 -0.86
N VAL A 300 2.34 1.74 -1.07
CA VAL A 300 2.62 0.35 -1.41
C VAL A 300 1.73 -0.01 -2.57
N TYR A 301 2.27 -0.83 -3.49
CA TYR A 301 1.54 -1.38 -4.63
C TYR A 301 1.74 -2.90 -4.69
N ASN A 302 0.73 -3.61 -5.16
CA ASN A 302 0.74 -5.06 -5.25
C ASN A 302 0.09 -5.42 -6.57
N GLY A 303 0.41 -6.61 -7.09
CA GLY A 303 -0.34 -7.10 -8.23
C GLY A 303 0.00 -6.49 -9.56
N LEU A 304 1.15 -5.85 -9.69
CA LEU A 304 1.54 -5.32 -10.97
C LEU A 304 2.21 -6.39 -11.82
N SER A 305 2.21 -6.15 -13.14
CA SER A 305 2.79 -7.08 -14.10
C SER A 305 3.70 -6.39 -15.11
N LEU A 306 4.74 -7.10 -15.51
CA LEU A 306 5.69 -6.54 -16.42
C LEU A 306 5.34 -6.74 -17.89
N ASN A 307 4.26 -7.46 -18.21
CA ASN A 307 3.82 -7.44 -19.59
C ASN A 307 3.35 -6.04 -19.98
N SER A 308 2.50 -5.45 -19.16
CA SER A 308 1.89 -4.15 -19.42
C SER A 308 2.92 -3.04 -19.52
N ASP A 310 2.13 -0.06 -19.34
CA ASP A 310 1.70 1.05 -18.47
C ASP A 310 1.95 0.78 -17.01
N ASP A 311 2.10 -0.50 -16.62
CA ASP A 311 2.66 -0.82 -15.31
C ASP A 311 4.15 -0.51 -15.26
N VAL A 312 4.89 -0.83 -16.32
CA VAL A 312 6.32 -0.52 -16.39
C VAL A 312 6.56 0.99 -16.25
N GLN A 313 5.82 1.78 -17.01
CA GLN A 313 6.01 3.22 -16.86
C GLN A 313 5.49 3.74 -15.51
N LYS A 314 4.46 3.12 -14.92
CA LYS A 314 4.13 3.53 -13.56
C LYS A 314 5.28 3.23 -12.60
N ILE A 315 6.01 2.15 -12.81
CA ILE A 315 7.09 1.82 -11.87
C ILE A 315 8.23 2.81 -12.01
N ASN A 316 8.62 3.10 -13.25
CA ASN A 316 9.75 3.99 -13.49
C ASN A 316 9.44 5.36 -12.99
N ARG A 317 8.18 5.72 -12.98
CA ARG A 317 7.84 7.00 -12.44
C ARG A 317 7.98 7.04 -10.94
N ILE A 318 7.38 6.05 -10.27
CA ILE A 318 7.60 5.90 -8.83
C ILE A 318 9.07 5.99 -8.51
N ILE A 319 9.95 5.39 -9.34
CA ILE A 319 11.37 5.33 -9.01
C ILE A 319 12.04 6.67 -9.18
N TRP A 320 11.66 7.43 -10.22
CA TRP A 320 12.37 8.65 -10.56
C TRP A 320 11.62 9.89 -10.14
N ASP A 321 10.58 9.72 -9.32
CA ASP A 321 9.93 10.84 -8.65
C ASP A 321 10.98 11.70 -7.96
N ASN A 322 10.92 13.00 -8.23
CA ASN A 322 11.52 13.96 -7.33
C ASN A 322 10.77 14.02 -6.01
N THR A 323 11.49 14.30 -4.95
CA THR A 323 10.86 14.45 -3.66
C THR A 323 10.91 15.91 -3.22
N LEU A 324 9.73 16.45 -2.95
CA LEU A 324 9.50 17.82 -2.50
C LEU A 324 9.60 17.81 -0.98
N LEU A 325 10.78 18.07 -0.44
CA LEU A 325 10.94 18.01 1.00
C LEU A 325 10.47 19.31 1.65
N SER A 326 9.64 19.15 2.68
CA SER A 326 8.87 20.24 3.26
C SER A 326 8.47 19.86 4.69
N ARG A 327 7.70 20.75 5.35
CA ARG A 327 7.17 20.47 6.67
C ARG A 327 6.05 19.44 6.63
N THR A 328 5.31 19.41 5.52
CA THR A 328 4.20 18.48 5.28
C THR A 328 4.63 17.15 4.65
N ASN A 329 5.89 17.05 4.22
CA ASN A 329 6.42 15.87 3.51
C ASN A 329 7.83 15.62 4.04
N THR A 330 7.93 14.74 5.01
CA THR A 330 9.13 14.49 5.78
C THR A 330 10.05 13.47 5.10
N ALA A 331 11.23 13.34 5.64
CA ALA A 331 12.07 12.22 5.30
C ALA A 331 11.94 11.12 6.36
N ALA A 332 12.22 9.89 5.95
CA ALA A 332 12.11 8.81 6.93
C ALA A 332 13.47 8.50 7.54
N PRO A 333 13.53 8.12 8.81
CA PRO A 333 14.79 7.61 9.34
C PRO A 333 15.08 6.26 8.69
N LEU A 334 16.34 6.05 8.36
CA LEU A 334 16.74 4.87 7.60
C LEU A 334 17.69 4.02 8.41
N ASN A 335 18.85 4.56 8.75
CA ASN A 335 19.81 3.79 9.51
C ASN A 335 20.36 4.65 10.63
N TYR A 336 20.81 3.99 11.70
CA TYR A 336 21.42 4.68 12.82
C TYR A 336 22.66 3.89 13.19
N TYR A 337 23.61 4.61 13.79
CA TYR A 337 24.92 4.12 14.17
C TYR A 337 25.12 4.42 15.63
N THR A 338 25.54 3.38 16.37
CA THR A 338 25.76 3.43 17.80
C THR A 338 27.25 3.33 18.06
N VAL A 339 27.65 3.96 19.14
CA VAL A 339 28.98 3.87 19.71
C VAL A 339 28.81 3.48 21.20
N PHE A 340 29.79 2.76 21.75
CA PHE A 340 29.76 2.43 23.17
C PHE A 340 30.01 3.70 23.99
N LEU A 341 29.24 3.87 25.07
CA LEU A 341 29.33 5.14 25.79
C LEU A 341 30.63 5.25 26.56
N LYS A 342 31.11 4.14 27.12
CA LYS A 342 32.32 4.12 27.94
C LYS A 342 33.52 4.83 27.28
N ASP A 343 33.76 4.58 26.00
CA ASP A 343 35.00 5.03 25.32
C ASP A 343 34.77 5.57 23.93
N GLY A 344 33.60 5.34 23.32
CA GLY A 344 33.34 5.86 21.99
C GLY A 344 33.72 4.93 20.85
N VAL A 345 33.95 3.66 21.14
CA VAL A 345 34.21 2.66 20.13
C VAL A 345 32.90 2.23 19.45
N SER A 346 32.97 2.07 18.11
CA SER A 346 31.80 1.70 17.31
C SER A 346 31.23 0.39 17.80
N ALA A 347 29.89 0.27 17.69
CA ALA A 347 29.19 -0.99 17.92
C ALA A 347 28.64 -1.59 16.62
N GLY A 348 29.11 -1.10 15.47
CA GLY A 348 28.80 -1.76 14.22
C GLY A 348 29.26 -3.20 14.30
N VAL A 349 28.42 -4.11 13.83
CA VAL A 349 28.81 -5.51 13.79
C VAL A 349 28.92 -6.01 12.34
N HIS A 350 29.69 -7.10 12.21
CA HIS A 350 29.76 -7.99 11.06
C HIS A 350 28.69 -9.04 11.18
N GLY A 351 28.12 -9.44 10.06
CA GLY A 351 27.16 -10.52 10.04
C GLY A 351 27.55 -11.59 9.05
N THR A 352 27.16 -12.82 9.36
CA THR A 352 27.31 -13.95 8.46
C THR A 352 26.01 -14.73 8.44
N THR A 353 25.66 -15.29 7.28
CA THR A 353 24.46 -16.11 7.19
C THR A 353 24.66 -17.10 6.02
N GLU A 354 24.17 -18.32 6.17
CA GLU A 354 24.31 -19.35 5.16
C GLU A 354 23.02 -19.49 4.40
N TYR A 355 23.15 -19.97 3.18
CA TYR A 355 22.01 -20.16 2.30
C TYR A 355 22.36 -21.24 1.29
N VAL A 356 21.34 -21.76 0.63
CA VAL A 356 21.46 -22.73 -0.44
C VAL A 356 21.24 -22.04 -1.79
N ALA A 357 22.28 -21.88 -2.58
CA ALA A 357 22.13 -21.29 -3.91
C ALA A 357 21.75 -22.43 -4.85
N GLU A 358 20.67 -22.24 -5.63
CA GLU A 358 20.24 -23.23 -6.61
C GLU A 358 20.48 -22.77 -8.04
N LYS A 359 21.24 -23.55 -8.79
CA LYS A 359 21.56 -23.23 -10.19
C LYS A 359 20.83 -24.23 -11.07
N THR A 360 20.01 -23.72 -11.97
CA THR A 360 19.29 -24.46 -12.97
C THR A 360 19.91 -24.11 -14.32
N GLU A 361 20.22 -25.14 -15.13
CA GLU A 361 20.63 -24.98 -16.51
C GLU A 361 19.65 -25.74 -17.40
N ARG A 362 19.26 -25.11 -18.50
CA ARG A 362 18.38 -25.71 -19.48
C ARG A 362 19.22 -25.95 -20.73
N TYR A 363 19.20 -27.18 -21.21
CA TYR A 363 19.93 -27.62 -22.39
C TYR A 363 18.89 -28.07 -23.40
N SER A 364 18.78 -27.33 -24.51
CA SER A 364 17.76 -27.65 -25.49
C SER A 364 18.16 -28.89 -26.30
N GLY A 365 17.14 -29.64 -26.74
CA GLY A 365 17.35 -30.73 -27.66
C GLY A 365 17.79 -30.21 -29.02
N GLY A 366 17.83 -31.16 -29.96
CA GLY A 366 18.36 -30.83 -31.27
C GLY A 366 18.06 -31.91 -32.29
N GLU A 367 18.50 -31.68 -33.51
CA GLU A 367 18.31 -32.69 -34.55
C GLU A 367 19.59 -32.81 -35.35
N ILE A 368 19.83 -34.03 -35.84
CA ILE A 368 20.82 -34.28 -36.90
C ILE A 368 20.08 -34.79 -38.14
N ARG A 369 20.16 -34.01 -39.23
CA ARG A 369 19.60 -34.42 -40.52
C ARG A 369 20.74 -34.95 -41.39
N LEU A 370 20.57 -36.15 -41.92
CA LEU A 370 21.53 -36.74 -42.87
C LEU A 370 20.91 -36.76 -44.26
N GLU A 371 21.66 -36.35 -45.27
CA GLU A 371 21.16 -36.33 -46.64
C GLU A 371 22.26 -36.82 -47.56
N HIS A 372 21.87 -37.76 -48.38
CA HIS A 372 22.73 -38.38 -49.36
C HIS A 372 22.08 -38.17 -50.72
N SER A 373 22.78 -37.50 -51.61
CA SER A 373 22.32 -37.37 -52.98
C SER A 373 23.40 -37.84 -53.96
N GLY A 374 24.48 -38.43 -53.47
CA GLY A 374 25.57 -38.81 -54.35
C GLY A 374 25.28 -40.08 -55.15
N TRP A 375 26.04 -40.24 -56.24
CA TRP A 375 25.89 -41.35 -57.19
C TRP A 375 26.79 -42.52 -56.79
N TYR A 376 26.60 -42.98 -55.56
CA TYR A 376 27.45 -44.03 -54.98
C TYR A 376 26.73 -44.54 -53.74
N VAL A 377 27.20 -45.65 -53.18
CA VAL A 377 26.64 -46.20 -51.96
C VAL A 377 27.39 -45.57 -50.80
N ALA A 378 26.66 -45.13 -49.80
CA ALA A 378 27.28 -44.42 -48.71
C ALA A 378 26.82 -45.01 -47.39
N ARG A 379 27.65 -44.90 -46.38
CA ARG A 379 27.19 -45.21 -45.05
C ARG A 379 27.56 -44.08 -44.11
N PHE A 380 26.67 -43.90 -43.14
CA PHE A 380 26.72 -42.90 -42.09
C PHE A 380 26.95 -43.58 -40.74
N THR A 381 27.82 -43.01 -39.90
CA THR A 381 27.98 -43.43 -38.50
C THR A 381 27.82 -42.23 -37.59
N VAL A 382 26.87 -42.31 -36.67
CA VAL A 382 26.60 -41.22 -35.72
C VAL A 382 26.58 -41.78 -34.32
N THR A 383 27.37 -41.19 -33.42
CA THR A 383 27.46 -41.60 -32.03
C THR A 383 27.40 -40.37 -31.12
N TRP A 384 27.05 -40.59 -29.86
CA TRP A 384 26.99 -39.48 -28.92
C TRP A 384 26.97 -40.05 -27.51
N ASP A 385 27.08 -39.15 -26.55
CA ASP A 385 27.03 -39.51 -25.14
C ASP A 385 25.75 -38.95 -24.54
N GLU A 386 25.12 -39.71 -23.66
CA GLU A 386 23.95 -39.23 -22.95
C GLU A 386 24.24 -39.10 -21.45
N ILE A 387 23.88 -37.95 -20.89
CA ILE A 387 24.19 -37.61 -19.51
C ILE A 387 22.97 -37.85 -18.67
N SER A 388 23.19 -38.41 -17.49
CA SER A 388 22.13 -38.69 -16.54
C SER A 388 22.67 -38.42 -15.13
N TYR A 389 21.81 -37.95 -14.23
CA TYR A 389 22.15 -37.85 -12.81
C TYR A 389 21.24 -38.79 -12.06
N GLU A 390 21.82 -39.76 -11.39
CA GLU A 390 21.10 -40.86 -10.76
C GLU A 390 21.70 -40.96 -9.37
N ASN A 391 20.95 -40.47 -8.38
CA ASN A 391 21.47 -40.20 -7.04
C ASN A 391 22.57 -39.15 -7.18
N GLY A 392 23.72 -39.33 -6.53
CA GLY A 392 24.77 -38.33 -6.65
C GLY A 392 25.88 -38.71 -7.60
N LEU A 393 25.50 -39.12 -8.81
CA LEU A 393 26.44 -39.69 -9.78
C LEU A 393 26.08 -39.17 -11.16
N LYS A 394 27.02 -38.51 -11.82
CA LYS A 394 26.87 -38.15 -13.23
C LYS A 394 27.19 -39.40 -14.07
N VAL A 395 26.16 -39.98 -14.69
CA VAL A 395 26.28 -41.18 -15.50
C VAL A 395 26.36 -40.78 -16.97
N ILE A 396 27.33 -41.34 -17.67
CA ILE A 396 27.61 -41.02 -19.06
C ILE A 396 27.50 -42.31 -19.85
N ARG A 397 26.52 -42.39 -20.75
CA ARG A 397 26.30 -43.59 -21.56
C ARG A 397 26.59 -43.32 -23.03
N HIS A 398 27.55 -44.06 -23.58
CA HIS A 398 27.84 -44.01 -25.01
C HIS A 398 26.70 -44.63 -25.79
N LYS A 399 26.25 -43.96 -26.84
CA LYS A 399 25.11 -44.40 -27.62
C LYS A 399 25.41 -44.22 -29.12
N GLY A 400 24.57 -44.85 -29.93
CA GLY A 400 24.79 -44.90 -31.36
C GLY A 400 23.48 -44.91 -32.08
N TRP A 401 23.44 -44.21 -33.20
CA TRP A 401 22.28 -44.29 -34.08
C TRP A 401 22.10 -45.71 -34.59
N GLU A 402 20.85 -46.16 -34.65
CA GLU A 402 20.57 -47.56 -35.01
C GLU A 402 21.01 -47.84 -36.45
N GLY A 403 21.03 -46.80 -37.30
CA GLY A 403 21.41 -46.96 -38.69
C GLY A 403 22.89 -47.01 -39.00
N ASN A 404 23.75 -46.93 -37.99
CA ASN A 404 25.18 -46.82 -38.21
C ASN A 404 25.67 -47.97 -39.06
N GLY A 405 26.59 -47.65 -39.99
CA GLY A 405 27.21 -48.62 -40.84
C GLY A 405 26.39 -49.09 -42.03
N LYS A 406 25.08 -48.90 -42.02
CA LYS A 406 24.26 -49.49 -43.06
C LYS A 406 24.45 -48.74 -44.39
N ASP A 407 24.36 -49.50 -45.48
CA ASP A 407 24.56 -48.96 -46.83
C ASP A 407 23.36 -48.14 -47.27
N ARG A 408 23.64 -47.11 -48.03
CA ARG A 408 22.63 -46.09 -48.30
C ARG A 408 22.76 -45.65 -49.74
N THR A 409 21.61 -45.47 -50.40
CA THR A 409 21.60 -45.19 -51.83
C THR A 409 20.76 -43.95 -52.16
N ALA A 410 20.95 -43.46 -53.44
CA ALA A 410 19.96 -42.71 -54.22
C ALA A 410 19.57 -41.58 -53.31
N PRO A 411 18.33 -41.06 -53.32
CA PRO A 411 18.03 -40.02 -52.33
C PRO A 411 17.68 -40.69 -51.01
N PHE A 412 18.44 -40.32 -49.97
CA PHE A 412 18.24 -40.78 -48.62
C PHE A 412 18.27 -39.56 -47.72
N SER A 413 17.42 -39.57 -46.70
CA SER A 413 17.23 -38.41 -45.85
C SER A 413 16.50 -38.82 -44.56
N THR A 414 17.13 -38.58 -43.42
CA THR A 414 16.49 -38.91 -42.14
C THR A 414 16.87 -37.86 -41.11
N THR A 415 16.07 -37.84 -40.05
CA THR A 415 16.28 -36.92 -38.94
C THR A 415 16.52 -37.78 -37.70
N ILE A 416 17.64 -37.56 -37.04
CA ILE A 416 17.93 -38.15 -35.73
C ILE A 416 17.59 -37.17 -34.61
N PRO A 417 16.49 -37.29 -33.89
CA PRO A 417 16.20 -36.33 -32.80
C PRO A 417 16.93 -36.70 -31.51
N LEU A 418 17.48 -35.67 -30.86
CA LEU A 418 18.25 -35.77 -29.64
C LEU A 418 17.70 -34.85 -28.56
N ARG A 419 17.66 -35.35 -27.33
CA ARG A 419 17.30 -34.52 -26.20
C ARG A 419 18.52 -33.81 -25.67
N GLY A 420 18.27 -32.82 -24.81
CA GLY A 420 19.29 -31.93 -24.30
C GLY A 420 20.35 -32.59 -23.44
N ASN A 421 20.14 -33.82 -23.02
CA ASN A 421 21.19 -34.56 -22.33
C ASN A 421 22.23 -35.19 -23.27
N ALA A 422 22.15 -35.01 -24.58
CA ALA A 422 23.14 -35.60 -25.45
C ALA A 422 24.30 -34.64 -25.71
N ARG A 423 25.53 -35.15 -25.57
CA ARG A 423 26.75 -34.39 -25.80
C ARG A 423 27.66 -35.14 -26.76
N ASN A 424 28.73 -34.44 -27.19
CA ASN A 424 29.91 -35.12 -27.76
C ASN A 424 29.59 -35.89 -29.04
N ILE A 425 28.92 -35.20 -29.95
CA ILE A 425 28.39 -35.81 -31.16
C ILE A 425 29.53 -36.10 -32.11
N SER A 426 29.54 -37.28 -32.66
CA SER A 426 30.52 -37.65 -33.68
C SER A 426 29.76 -38.15 -34.91
N ILE A 427 30.23 -37.71 -36.08
CA ILE A 427 29.58 -38.00 -37.36
C ILE A 427 30.64 -38.36 -38.36
N LYS A 428 30.48 -39.49 -39.04
CA LYS A 428 31.41 -39.94 -40.08
C LYS A 428 30.61 -40.37 -41.30
N THR A 429 31.07 -39.97 -42.48
CA THR A 429 30.44 -40.38 -43.74
C THR A 429 31.46 -41.06 -44.65
N GLU A 430 31.07 -42.20 -45.24
CA GLU A 430 31.94 -42.88 -46.20
C GLU A 430 31.18 -43.17 -47.48
N GLY A 431 31.90 -43.11 -48.59
CA GLY A 431 31.30 -43.40 -49.86
C GLY A 431 32.10 -44.49 -50.51
N CYS A 432 31.41 -45.51 -51.02
CA CYS A 432 32.09 -46.60 -51.72
C CYS A 432 32.50 -46.16 -53.13
N THR A 433 33.81 -46.18 -53.40
CA THR A 433 34.32 -45.77 -54.70
C THR A 433 34.14 -46.83 -55.76
N GLY A 434 33.94 -48.07 -55.39
CA GLY A 434 33.93 -49.15 -56.36
C GLY A 434 35.27 -49.71 -56.80
N LEU A 435 36.40 -49.17 -56.31
CA LEU A 435 37.73 -49.63 -56.68
C LEU A 435 38.46 -50.27 -55.50
N ALA A 436 39.07 -51.42 -55.75
CA ALA A 436 39.46 -52.33 -54.67
C ALA A 436 40.53 -51.76 -53.75
N TRP A 437 41.46 -50.98 -54.28
CA TRP A 437 42.53 -50.44 -53.45
C TRP A 437 42.09 -49.23 -52.60
N GLU A 438 40.86 -48.76 -52.77
CA GLU A 438 40.35 -47.66 -51.94
C GLU A 438 38.83 -47.74 -51.91
N TRP A 439 38.32 -48.85 -51.38
CA TRP A 439 36.91 -49.20 -51.52
C TRP A 439 36.00 -48.20 -50.82
N TRP A 440 36.33 -47.84 -49.58
CA TRP A 440 35.53 -46.88 -48.83
C TRP A 440 36.40 -45.66 -48.68
N ARG A 441 35.86 -44.51 -49.05
CA ARG A 441 36.56 -43.25 -48.91
C ARG A 441 35.80 -42.47 -47.86
N THR A 442 36.51 -41.84 -46.94
CA THR A 442 35.86 -41.07 -45.90
C THR A 442 35.73 -39.63 -46.37
N SER A 443 34.50 -39.15 -46.52
CA SER A 443 34.33 -37.76 -46.94
C SER A 443 34.21 -36.80 -45.78
N GLY A 444 34.10 -37.30 -44.55
CA GLY A 444 33.96 -36.45 -43.40
C GLY A 444 34.05 -37.22 -42.11
N TYR A 445 34.72 -36.67 -41.12
CA TYR A 445 34.91 -37.31 -39.81
C TYR A 445 35.04 -36.16 -38.81
N LYS A 446 33.92 -35.79 -38.21
CA LYS A 446 33.83 -34.74 -37.21
C LYS A 446 33.54 -35.42 -35.89
N VAL A 447 34.42 -35.22 -34.91
CA VAL A 447 34.24 -35.75 -33.56
C VAL A 447 34.05 -34.58 -32.60
N GLY A 448 33.39 -34.86 -31.48
CA GLY A 448 33.36 -33.95 -30.35
C GLY A 448 32.57 -32.70 -30.58
N ARG A 449 31.55 -32.76 -31.43
CA ARG A 449 30.74 -31.59 -31.69
C ARG A 449 29.63 -31.48 -30.65
N ALA A 450 29.08 -30.27 -30.58
CA ALA A 450 28.05 -29.89 -29.63
C ALA A 450 26.67 -30.12 -30.20
N LEU A 451 25.72 -30.31 -29.32
CA LEU A 451 24.33 -30.39 -29.72
C LEU A 451 23.83 -28.98 -30.02
N VAL A 452 23.48 -28.74 -31.27
CA VAL A 452 22.91 -27.46 -31.70
C VAL A 452 21.50 -27.77 -32.18
N PRO A 453 20.69 -26.77 -32.45
CA PRO A 453 19.28 -27.09 -32.79
C PRO A 453 19.12 -27.87 -34.09
N LEU A 454 19.88 -27.51 -35.12
CA LEU A 454 19.81 -28.27 -36.36
C LEU A 454 21.20 -28.41 -36.96
N ARG A 455 21.66 -29.65 -37.09
CA ARG A 455 22.91 -29.96 -37.77
C ARG A 455 22.57 -30.81 -38.98
N THR A 456 23.06 -30.39 -40.16
CA THR A 456 22.78 -31.07 -41.41
C THR A 456 24.08 -31.52 -42.02
N VAL A 457 24.18 -32.78 -42.41
CA VAL A 457 25.34 -33.25 -43.16
C VAL A 457 24.85 -33.80 -44.48
N SER A 458 25.33 -33.20 -45.58
CA SER A 458 24.95 -33.58 -46.94
C SER A 458 26.16 -34.19 -47.63
N ILE A 459 25.98 -35.34 -48.23
CA ILE A 459 27.02 -35.82 -49.12
C ILE A 459 26.40 -35.89 -50.51
N GLY A 460 27.23 -35.63 -51.50
CA GLY A 460 26.80 -35.77 -52.88
C GLY A 460 27.98 -36.12 -53.74
N GLY A 461 27.87 -35.85 -55.04
CA GLY A 461 28.99 -36.08 -55.92
C GLY A 461 28.92 -37.45 -56.54
N THR A 462 30.06 -37.92 -57.03
CA THR A 462 30.15 -39.23 -57.66
C THR A 462 31.24 -40.01 -56.95
N THR A 463 31.47 -41.24 -57.44
CA THR A 463 32.36 -42.21 -56.76
C THR A 463 33.75 -41.63 -56.51
N LEU A 464 34.33 -40.97 -57.51
CA LEU A 464 35.70 -40.47 -57.37
C LEU A 464 35.75 -38.99 -57.02
N HIS A 465 34.61 -38.31 -56.93
CA HIS A 465 34.56 -36.91 -56.44
C HIS A 465 33.40 -36.76 -55.45
N GLN A 466 33.69 -36.99 -54.18
CA GLN A 466 32.67 -37.10 -53.16
C GLN A 466 32.65 -35.82 -52.36
N THR A 467 31.49 -35.20 -52.24
CA THR A 467 31.38 -33.90 -51.61
C THR A 467 30.74 -34.07 -50.25
N PHE A 468 31.09 -33.17 -49.35
CA PHE A 468 30.65 -33.19 -47.97
C PHE A 468 30.44 -31.77 -47.51
N SER A 469 29.33 -31.53 -46.85
CA SER A 469 29.08 -30.24 -46.27
C SER A 469 28.30 -30.49 -45.00
N THR A 471 26.45 -28.29 -41.74
CA THR A 471 25.94 -26.99 -41.33
C THR A 471 25.37 -27.17 -39.93
N PRO A 472 25.86 -26.44 -38.93
CA PRO A 472 26.95 -25.45 -38.97
C PRO A 472 28.28 -26.16 -39.13
N ALA A 473 29.27 -25.52 -39.76
CA ALA A 473 30.58 -26.14 -39.95
C ALA A 473 31.42 -25.89 -38.70
N ASP A 474 31.06 -26.60 -37.64
CA ASP A 474 31.76 -26.54 -36.35
C ASP A 474 33.17 -27.08 -36.52
N ASN B 2 -29.24 -41.97 -5.01
CA ASN B 2 -30.32 -42.03 -4.03
C ASN B 2 -30.20 -40.93 -2.98
N ASN B 3 -28.97 -40.48 -2.75
CA ASN B 3 -28.75 -39.39 -1.80
C ASN B 3 -29.48 -38.11 -2.21
N ARG B 4 -29.83 -37.97 -3.50
CA ARG B 4 -30.51 -36.75 -3.94
C ARG B 4 -31.93 -36.72 -3.45
N ALA B 5 -32.65 -37.84 -3.59
CA ALA B 5 -33.99 -37.93 -3.03
C ALA B 5 -33.96 -37.42 -1.59
N LEU B 6 -33.00 -37.91 -0.80
CA LEU B 6 -32.99 -37.66 0.64
C LEU B 6 -32.49 -36.24 0.99
N ILE B 7 -31.39 -35.78 0.38
CA ILE B 7 -30.97 -34.40 0.60
C ILE B 7 -32.09 -33.43 0.21
N ASN B 8 -32.79 -33.70 -0.89
CA ASN B 8 -33.83 -32.78 -1.35
C ASN B 8 -34.96 -32.66 -0.34
N ASP B 9 -35.33 -33.76 0.30
CA ASP B 9 -36.42 -33.74 1.26
C ASP B 9 -36.00 -33.21 2.63
N LYS B 10 -34.69 -33.21 2.93
CA LYS B 10 -34.20 -32.56 4.15
C LYS B 10 -34.55 -31.08 4.15
N LEU B 11 -34.36 -30.42 3.01
CA LEU B 11 -34.87 -29.08 2.75
C LEU B 11 -36.38 -29.11 2.49
N ALA B 12 -37.09 -30.04 3.13
CA ALA B 12 -38.55 -30.06 3.00
C ALA B 12 -39.03 -28.74 3.54
N SER B 13 -39.14 -28.69 4.87
CA SER B 13 -39.44 -27.45 5.59
C SER B 13 -38.40 -27.25 6.69
N LEU B 14 -37.11 -27.36 6.33
CA LEU B 14 -36.06 -26.83 7.19
C LEU B 14 -36.62 -25.55 7.82
N GLN B 15 -36.86 -25.55 9.13
CA GLN B 15 -37.56 -24.44 9.79
C GLN B 15 -36.58 -23.28 9.97
N TYR B 16 -36.81 -22.19 9.24
CA TYR B 16 -36.12 -20.93 9.48
C TYR B 16 -36.91 -19.85 8.73
N ASN B 17 -37.07 -18.70 9.37
CA ASN B 17 -37.53 -17.52 8.67
C ASN B 17 -36.37 -16.96 7.84
N PRO B 18 -36.56 -16.73 6.55
CA PRO B 18 -35.48 -16.09 5.78
C PRO B 18 -35.00 -14.77 6.40
N LYS B 19 -35.92 -13.89 6.80
CA LYS B 19 -35.57 -12.53 7.21
C LYS B 19 -34.84 -12.46 8.56
N THR B 20 -34.83 -13.54 9.33
CA THR B 20 -34.30 -13.51 10.68
C THR B 20 -32.96 -14.20 10.85
N VAL B 21 -32.60 -15.11 9.94
CA VAL B 21 -31.45 -15.96 10.20
C VAL B 21 -30.14 -15.20 10.12
N VAL B 23 -28.91 -11.23 10.58
CA VAL B 23 -29.39 -9.96 11.07
C VAL B 23 -28.19 -9.06 11.25
N PHE B 24 -28.30 -7.84 10.73
CA PHE B 24 -27.24 -6.87 10.82
C PHE B 24 -27.14 -6.34 12.25
N ASN B 25 -25.95 -6.38 12.80
CA ASN B 25 -25.71 -5.95 14.16
C ASN B 25 -25.17 -4.54 14.09
N GLY B 26 -26.03 -3.56 14.31
CA GLY B 26 -25.63 -2.18 14.28
C GLY B 26 -25.04 -1.70 15.60
N THR B 27 -24.39 -0.54 15.53
CA THR B 27 -23.96 0.16 16.72
C THR B 27 -25.17 0.67 17.49
N SER B 28 -25.12 0.58 18.80
CA SER B 28 -26.14 1.22 19.62
C SER B 28 -25.45 2.28 20.48
N ILE B 29 -26.11 3.42 20.63
CA ILE B 29 -25.59 4.55 21.40
C ILE B 29 -26.36 4.65 22.70
N SER B 30 -25.64 4.88 23.81
CA SER B 30 -26.32 5.15 25.09
C SER B 30 -27.13 6.43 24.97
N ASN B 31 -28.14 6.56 25.82
CA ASN B 31 -28.96 7.77 25.80
C ASN B 31 -28.56 8.77 26.90
N ILE B 32 -27.29 8.76 27.29
CA ILE B 32 -26.76 9.85 28.11
C ILE B 32 -26.90 11.15 27.34
N ASP B 33 -27.28 12.22 28.04
CA ASP B 33 -27.45 13.55 27.47
C ASP B 33 -26.14 14.05 26.84
N LEU B 34 -26.26 14.76 25.72
CA LEU B 34 -25.12 15.37 25.06
C LEU B 34 -25.33 16.87 25.01
N PRO B 35 -24.70 17.63 25.90
CA PRO B 35 -24.93 19.07 25.96
C PRO B 35 -24.11 19.83 24.93
N ALA B 36 -24.68 20.95 24.45
CA ALA B 36 -23.90 21.84 23.62
C ALA B 36 -22.62 22.25 24.37
N GLU B 37 -21.58 22.46 23.61
CA GLU B 37 -20.29 22.86 24.10
C GLU B 37 -19.82 24.07 23.30
N GLU B 38 -19.15 24.98 23.99
CA GLU B 38 -18.70 26.23 23.40
C GLU B 38 -17.23 26.41 23.69
N ARG B 39 -16.61 27.25 22.87
CA ARG B 39 -15.27 27.74 23.15
C ARG B 39 -15.04 28.97 22.28
N PHE B 40 -13.94 29.66 22.52
CA PHE B 40 -13.57 30.85 21.78
C PHE B 40 -12.21 30.54 21.20
N ASP B 41 -11.92 30.97 19.97
CA ASP B 41 -10.54 30.86 19.46
C ASP B 41 -9.95 32.23 19.74
N ASP B 42 -10.38 33.25 18.99
CA ASP B 42 -9.97 34.55 19.36
C ASP B 42 -10.99 35.51 18.82
N SER B 43 -11.89 35.91 19.73
CA SER B 43 -13.04 36.65 19.32
C SER B 43 -14.03 35.83 18.48
N THR B 44 -13.55 34.78 17.80
CA THR B 44 -14.42 33.86 17.09
C THR B 44 -15.01 32.86 18.08
N TYR B 45 -16.32 32.66 17.98
CA TYR B 45 -17.10 31.86 18.94
C TYR B 45 -17.60 30.61 18.24
N ILE B 46 -17.41 29.47 18.89
CA ILE B 46 -17.63 28.16 18.27
C ILE B 46 -18.57 27.38 19.15
N VAL B 47 -19.69 26.98 18.58
CA VAL B 47 -20.69 26.21 19.28
C VAL B 47 -20.78 24.83 18.64
N THR B 49 -22.81 21.17 18.76
CA THR B 49 -23.98 20.41 19.19
C THR B 49 -23.97 19.01 18.59
N ARG B 50 -24.55 18.10 19.36
CA ARG B 50 -24.52 16.67 19.12
C ARG B 50 -25.95 16.16 19.08
N GLU B 51 -26.23 15.33 18.08
CA GLU B 51 -27.53 14.74 17.85
C GLU B 51 -27.30 13.26 17.66
N LYS B 52 -28.08 12.44 18.34
CA LYS B 52 -28.04 11.00 18.14
C LYS B 52 -28.86 10.70 16.92
N CYS B 53 -28.29 9.94 15.98
CA CYS B 53 -28.94 9.60 14.74
C CYS B 53 -28.85 8.11 14.49
N SER B 54 -29.61 7.66 13.48
CA SER B 54 -29.42 6.34 12.90
C SER B 54 -29.67 6.36 11.40
N TYR B 55 -28.96 5.50 10.68
CA TYR B 55 -29.06 5.35 9.24
C TYR B 55 -29.51 3.95 8.91
N GLU B 56 -30.54 3.86 8.08
CA GLU B 56 -31.07 2.59 7.63
C GLU B 56 -30.96 2.51 6.13
N ALA B 57 -30.47 1.38 5.62
CA ALA B 57 -30.40 1.13 4.19
C ALA B 57 -30.16 -0.35 3.95
N ASP B 58 -30.25 -0.73 2.68
CA ASP B 58 -29.88 -2.08 2.28
C ASP B 58 -28.37 -2.27 2.40
N PHE B 59 -27.98 -3.45 2.83
CA PHE B 59 -26.60 -3.76 3.13
C PHE B 59 -26.10 -4.60 1.95
N ASP B 60 -25.30 -3.94 1.10
CA ASP B 60 -24.58 -4.62 0.04
C ASP B 60 -23.40 -5.38 0.67
N ILE B 61 -23.32 -6.70 0.44
CA ILE B 61 -22.24 -7.51 1.02
C ILE B 61 -21.02 -7.56 0.09
N ALA B 62 -19.86 -7.14 0.59
CA ALA B 62 -18.64 -7.08 -0.19
C ALA B 62 -17.96 -8.44 -0.19
N VAL B 63 -17.16 -8.69 -1.22
CA VAL B 63 -16.35 -9.89 -1.28
C VAL B 63 -15.13 -9.66 -0.39
N PRO B 64 -15.00 -10.39 0.72
CA PRO B 64 -13.82 -10.22 1.56
C PRO B 64 -12.55 -10.66 0.85
N SER B 65 -11.54 -9.81 0.90
CA SER B 65 -10.20 -10.27 0.56
C SER B 65 -9.88 -11.47 1.45
N ALA B 66 -9.49 -12.57 0.83
CA ALA B 66 -9.13 -13.83 1.50
C ALA B 66 -10.33 -14.76 1.59
N TYR B 67 -11.50 -14.35 1.11
CA TYR B 67 -12.63 -15.25 0.97
C TYR B 67 -13.14 -15.22 -0.45
N GLU B 68 -12.34 -14.66 -1.37
CA GLU B 68 -12.67 -14.70 -2.78
C GLU B 68 -12.70 -16.14 -3.28
N ASP B 69 -11.83 -17.00 -2.72
CA ASP B 69 -11.81 -18.43 -2.99
C ASP B 69 -13.12 -19.12 -2.64
N VAL B 70 -14.00 -18.49 -1.84
CA VAL B 70 -15.23 -19.18 -1.46
C VAL B 70 -16.51 -18.42 -1.72
N THR B 71 -16.42 -17.28 -2.42
CA THR B 71 -17.60 -16.48 -2.76
C THR B 71 -17.69 -16.23 -4.25
N TYR B 72 -17.17 -17.17 -5.06
CA TYR B 72 -17.29 -17.15 -6.53
C TYR B 72 -18.70 -17.59 -6.90
N PRO B 73 -19.13 -17.32 -8.13
CA PRO B 73 -20.51 -17.67 -8.51
C PRO B 73 -20.72 -19.18 -8.54
N GLY B 74 -21.91 -19.60 -8.12
CA GLY B 74 -22.15 -21.02 -7.89
C GLY B 74 -21.47 -21.63 -6.68
N ALA B 75 -20.83 -20.85 -5.81
CA ALA B 75 -20.29 -21.39 -4.57
C ALA B 75 -21.39 -21.58 -3.53
N LEU B 76 -21.07 -22.37 -2.51
CA LEU B 76 -22.04 -22.76 -1.50
C LEU B 76 -21.54 -22.21 -0.17
N LEU B 77 -22.47 -21.73 0.65
CA LEU B 77 -22.08 -21.11 1.90
C LEU B 77 -23.04 -21.51 3.00
N VAL B 78 -22.50 -21.57 4.21
CA VAL B 78 -23.31 -21.74 5.41
C VAL B 78 -23.73 -20.37 5.95
N ALA B 79 -25.04 -20.13 6.02
CA ALA B 79 -25.55 -18.86 6.55
C ALA B 79 -25.20 -18.67 8.03
N SER B 80 -25.14 -17.41 8.46
CA SER B 80 -24.44 -17.12 9.71
C SER B 80 -24.19 -15.63 9.85
N ASN B 81 -24.41 -15.06 11.03
CA ASN B 81 -24.16 -13.65 11.21
C ASN B 81 -22.74 -13.27 10.83
N ASP B 82 -21.79 -14.22 10.89
CA ASP B 82 -20.41 -13.91 10.55
C ASP B 82 -20.20 -13.57 9.07
N LEU B 83 -21.15 -13.95 8.20
CA LEU B 83 -21.08 -13.54 6.80
C LEU B 83 -21.20 -12.03 6.67
N LEU B 84 -22.21 -11.43 7.29
CA LEU B 84 -22.31 -9.98 7.35
C LEU B 84 -21.02 -9.32 7.81
N ASP B 85 -20.20 -10.01 8.60
CA ASP B 85 -18.94 -9.44 9.07
C ASP B 85 -17.73 -9.85 8.24
N GLY B 86 -17.94 -10.40 7.05
CA GLY B 86 -16.84 -10.60 6.15
C GLY B 86 -16.09 -11.88 6.34
N LYS B 87 -16.72 -12.86 6.97
CA LYS B 87 -16.14 -14.17 7.20
C LYS B 87 -17.21 -15.18 6.83
N PRO B 88 -17.51 -15.30 5.53
CA PRO B 88 -18.50 -16.28 5.10
C PRO B 88 -17.92 -17.67 5.28
N GLN B 89 -18.80 -18.61 5.64
CA GLN B 89 -18.42 -19.98 5.99
C GLN B 89 -18.63 -20.90 4.79
N GLU B 90 -17.53 -21.32 4.17
CA GLU B 90 -17.62 -22.23 3.03
C GLU B 90 -18.27 -23.56 3.40
N LEU B 91 -19.18 -24.02 2.54
CA LEU B 91 -19.79 -25.35 2.63
C LEU B 91 -19.10 -26.25 1.60
N ALA B 92 -18.03 -26.92 2.04
CA ALA B 92 -17.14 -27.66 1.14
C ALA B 92 -17.59 -29.11 0.99
N VAL B 93 -18.43 -29.37 -0.02
CA VAL B 93 -18.87 -30.70 -0.38
C VAL B 93 -18.59 -30.81 -1.87
N ASP B 94 -18.76 -32.01 -2.42
CA ASP B 94 -18.53 -32.21 -3.86
C ASP B 94 -19.83 -31.97 -4.65
N LYS B 95 -19.71 -31.25 -5.75
CA LYS B 95 -20.82 -30.60 -6.44
C LYS B 95 -20.88 -31.07 -7.88
N ASP B 96 -22.09 -31.08 -8.46
CA ASP B 96 -22.34 -31.39 -9.86
C ASP B 96 -22.10 -30.14 -10.73
N ARG B 97 -22.86 -29.95 -11.81
CA ARG B 97 -22.60 -28.89 -12.77
C ARG B 97 -23.75 -27.87 -12.80
N VAL B 98 -23.36 -26.59 -12.89
CA VAL B 98 -24.26 -25.44 -12.85
C VAL B 98 -24.07 -24.64 -14.11
N ASN B 99 -25.09 -23.89 -14.52
CA ASN B 99 -24.92 -22.97 -15.64
C ASN B 99 -24.58 -21.55 -15.16
N ILE B 100 -23.37 -21.10 -15.41
CA ILE B 100 -22.90 -19.80 -14.97
C ILE B 100 -22.82 -18.89 -16.19
N THR B 101 -23.36 -17.68 -16.07
CA THR B 101 -23.55 -16.78 -17.19
C THR B 101 -22.80 -15.47 -16.97
N VAL B 102 -21.84 -15.19 -17.83
CA VAL B 102 -21.09 -13.96 -17.79
C VAL B 102 -21.86 -12.85 -18.50
N ASP B 103 -21.95 -11.70 -17.87
CA ASP B 103 -22.80 -10.61 -18.35
C ASP B 103 -21.91 -9.42 -18.67
N LEU B 104 -21.48 -9.35 -19.84
CA LEU B 104 -20.66 -8.24 -20.24
C LEU B 104 -21.50 -7.15 -20.86
N PRO B 105 -21.14 -5.88 -20.64
CA PRO B 105 -21.92 -4.78 -21.22
C PRO B 105 -21.82 -4.83 -22.74
N GLY B 106 -22.96 -4.96 -23.40
CA GLY B 106 -23.04 -5.00 -24.83
C GLY B 106 -22.90 -6.40 -25.38
N ALA B 107 -22.30 -7.29 -24.60
CA ALA B 107 -22.23 -8.68 -24.99
C ALA B 107 -23.58 -9.35 -24.89
N THR B 108 -23.78 -10.33 -25.75
CA THR B 108 -24.67 -11.44 -25.47
C THR B 108 -24.27 -12.14 -24.18
N ASP B 109 -25.27 -12.58 -23.41
CA ASP B 109 -24.93 -13.35 -22.21
C ASP B 109 -24.35 -14.72 -22.56
N ILE B 110 -23.03 -14.88 -22.61
CA ILE B 110 -22.43 -16.16 -23.00
C ILE B 110 -22.31 -17.04 -21.75
N SER B 111 -22.90 -18.24 -21.80
CA SER B 111 -22.96 -19.15 -20.66
C SER B 111 -21.99 -20.31 -20.80
N PHE B 112 -21.67 -20.93 -19.67
CA PHE B 112 -21.08 -22.25 -19.71
C PHE B 112 -21.48 -23.05 -18.47
N LYS B 113 -21.39 -24.37 -18.59
CA LYS B 113 -21.84 -25.32 -17.58
C LYS B 113 -20.60 -26.05 -17.10
N VAL B 114 -20.22 -25.86 -15.84
CA VAL B 114 -19.11 -26.61 -15.26
C VAL B 114 -19.37 -26.92 -13.80
N VAL B 115 -18.45 -27.65 -13.18
CA VAL B 115 -18.48 -27.96 -11.75
C VAL B 115 -18.09 -26.71 -10.96
N PRO B 116 -18.99 -26.16 -10.10
CA PRO B 116 -18.66 -24.96 -9.32
C PRO B 116 -17.37 -25.03 -8.50
N THR B 117 -16.31 -24.42 -8.99
CA THR B 117 -15.07 -24.37 -8.23
C THR B 117 -14.34 -23.08 -8.52
N PHE B 118 -13.67 -22.55 -7.49
CA PHE B 118 -12.93 -21.32 -7.70
C PHE B 118 -12.08 -21.41 -8.96
N ALA B 119 -11.35 -22.52 -9.15
CA ALA B 119 -10.50 -22.67 -10.33
C ALA B 119 -11.32 -22.81 -11.60
N ASN B 120 -12.44 -23.54 -11.55
CA ASN B 120 -13.25 -23.82 -12.72
C ASN B 120 -13.91 -22.55 -13.28
N VAL B 121 -14.56 -21.79 -12.41
CA VAL B 121 -15.26 -20.60 -12.88
C VAL B 121 -14.28 -19.51 -13.23
N ARG B 122 -13.14 -19.41 -12.53
CA ARG B 122 -12.18 -18.40 -12.92
C ARG B 122 -11.63 -18.67 -14.32
N ALA B 123 -11.15 -19.91 -14.57
CA ALA B 123 -10.76 -20.29 -15.92
C ALA B 123 -11.92 -20.04 -16.90
N GLY B 124 -13.13 -20.53 -16.56
CA GLY B 124 -14.28 -20.34 -17.43
C GLY B 124 -14.62 -18.89 -17.71
N ILE B 125 -14.43 -18.01 -16.72
CA ILE B 125 -14.67 -16.61 -16.98
C ILE B 125 -13.59 -16.02 -17.87
N ASN B 126 -12.30 -16.33 -17.61
CA ASN B 126 -11.25 -15.66 -18.39
C ASN B 126 -11.20 -16.19 -19.81
N ASP B 127 -11.47 -17.50 -19.97
CA ASP B 127 -11.64 -18.01 -21.33
C ASP B 127 -12.70 -17.19 -22.06
N ILE B 128 -13.86 -16.96 -21.43
CA ILE B 128 -14.88 -16.11 -22.04
C ILE B 128 -14.37 -14.69 -22.23
N LEU B 129 -13.44 -14.24 -21.38
CA LEU B 129 -12.96 -12.87 -21.52
C LEU B 129 -11.99 -12.75 -22.69
N SER B 130 -11.03 -13.68 -22.82
CA SER B 130 -10.11 -13.63 -23.94
C SER B 130 -10.85 -13.76 -25.27
N LYS B 131 -12.06 -14.35 -25.27
CA LYS B 131 -12.84 -14.44 -26.49
C LYS B 131 -13.54 -13.13 -26.84
N TRP B 132 -14.10 -12.46 -25.86
CA TRP B 132 -14.72 -11.15 -26.11
C TRP B 132 -13.69 -10.10 -26.48
N PHE B 133 -12.46 -10.18 -25.92
CA PHE B 133 -11.41 -9.22 -26.27
C PHE B 133 -10.89 -9.45 -27.70
N ASP B 134 -10.76 -10.72 -28.10
CA ASP B 134 -10.24 -11.05 -29.43
C ASP B 134 -11.21 -10.64 -30.52
N SER B 135 -12.51 -10.73 -30.25
CA SER B 135 -13.51 -10.32 -31.23
C SER B 135 -13.82 -8.82 -31.13
N HIS B 136 -12.82 -8.03 -30.75
CA HIS B 136 -12.99 -6.58 -30.62
C HIS B 136 -11.67 -5.88 -30.94
N GLY B 137 -11.71 -4.96 -31.89
CA GLY B 137 -10.57 -4.08 -32.07
C GLY B 137 -10.36 -3.14 -30.91
N GLY B 138 -11.32 -3.08 -29.99
CA GLY B 138 -11.17 -2.26 -28.81
C GLY B 138 -10.27 -2.91 -27.79
N GLU B 139 -9.22 -2.18 -27.42
CA GLU B 139 -8.50 -2.48 -26.21
C GLU B 139 -9.33 -2.20 -24.95
N TRP B 140 -10.18 -1.16 -24.96
CA TRP B 140 -10.92 -0.77 -23.76
C TRP B 140 -12.43 -0.62 -23.97
N SER B 141 -13.21 -0.92 -22.95
CA SER B 141 -14.66 -0.75 -22.98
C SER B 141 -15.12 -0.02 -21.70
N LEU B 142 -16.28 0.57 -21.80
CA LEU B 142 -16.80 1.30 -20.66
C LEU B 142 -17.40 0.33 -19.64
N PRO B 143 -17.31 0.64 -18.35
CA PRO B 143 -17.93 -0.23 -17.35
C PRO B 143 -19.44 -0.34 -17.47
N ALA B 144 -19.97 -1.37 -16.82
CA ALA B 144 -21.42 -1.56 -16.81
C ALA B 144 -22.10 -0.54 -15.92
N ASN B 145 -21.38 -0.02 -14.93
CA ASN B 145 -22.00 0.84 -13.92
C ASN B 145 -20.90 1.63 -13.23
N PHE B 146 -21.25 2.83 -12.82
CA PHE B 146 -20.36 3.67 -12.07
C PHE B 146 -21.13 4.24 -10.88
N GLN B 147 -20.47 4.26 -9.75
CA GLN B 147 -21.14 4.80 -8.58
C GLN B 147 -20.16 5.66 -7.80
N TYR B 148 -20.65 6.79 -7.29
CA TYR B 148 -19.85 7.74 -6.53
C TYR B 148 -20.57 8.01 -5.22
N SER B 149 -19.87 7.81 -4.10
CA SER B 149 -20.47 8.01 -2.79
C SER B 149 -19.55 8.81 -1.88
N SER B 150 -20.14 9.56 -0.96
CA SER B 150 -19.37 10.26 0.05
C SER B 150 -20.13 10.48 1.35
N SER B 151 -19.42 10.42 2.48
CA SER B 151 -20.06 10.68 3.75
C SER B 151 -19.01 10.88 4.83
N LEU B 152 -19.37 11.65 5.84
CA LEU B 152 -18.68 11.55 7.13
C LEU B 152 -18.90 10.17 7.72
N VAL B 153 -17.94 9.66 8.47
CA VAL B 153 -18.12 8.36 9.09
C VAL B 153 -17.78 8.43 10.57
N TYR B 154 -18.65 7.86 11.39
CA TYR B 154 -18.52 7.93 12.85
C TYR B 154 -17.81 6.71 13.38
N ASP B 155 -18.17 5.51 12.91
CA ASP B 155 -17.50 4.29 13.32
C ASP B 155 -17.47 3.29 12.15
N GLU B 156 -17.03 2.06 12.44
CA GLU B 156 -16.90 1.04 11.38
C GLU B 156 -18.28 0.65 10.84
N ASN B 157 -19.29 0.56 11.69
CA ASN B 157 -20.59 0.12 11.22
C ASN B 157 -21.24 1.12 10.27
N GLU B 158 -21.16 2.43 10.59
CA GLU B 158 -21.68 3.42 9.66
C GLU B 158 -21.00 3.26 8.31
N LEU B 159 -19.70 2.99 8.32
CA LEU B 159 -18.91 2.87 7.11
C LEU B 159 -19.33 1.66 6.28
N LEU B 161 -22.20 0.16 6.26
CA LEU B 161 -23.57 0.30 5.76
C LEU B 161 -23.70 1.33 4.64
N LYS B 162 -23.03 2.46 4.72
CA LYS B 162 -23.18 3.45 3.65
C LYS B 162 -22.47 3.00 2.38
N PHE B 163 -21.36 2.32 2.53
CA PHE B 163 -20.50 1.99 1.42
C PHE B 163 -20.52 0.52 0.99
N GLY B 164 -21.14 -0.38 1.75
CA GLY B 164 -21.09 -1.79 1.35
C GLY B 164 -19.67 -2.28 1.16
N CYS B 165 -18.79 -1.90 2.06
CA CYS B 165 -17.39 -2.29 1.95
C CYS B 165 -17.09 -3.49 2.85
N ASP B 166 -15.90 -4.03 2.64
CA ASP B 166 -15.29 -5.03 3.50
C ASP B 166 -14.57 -4.25 4.59
N ILE B 167 -15.09 -4.30 5.81
CA ILE B 167 -14.52 -3.50 6.88
C ILE B 167 -13.06 -3.90 7.14
N SER B 168 -12.80 -5.20 7.19
CA SER B 168 -11.47 -5.66 7.60
C SER B 168 -10.38 -5.21 6.63
N TYR B 169 -10.61 -5.35 5.32
CA TYR B 169 -9.62 -4.89 4.35
C TYR B 169 -9.29 -3.42 4.54
N LEU B 170 -10.32 -2.59 4.72
CA LEU B 170 -10.05 -1.17 4.88
C LEU B 170 -9.35 -0.88 6.21
N LYS B 171 -9.75 -1.58 7.29
CA LYS B 171 -9.11 -1.35 8.59
C LYS B 171 -7.62 -1.58 8.50
N GLN B 172 -7.19 -2.62 7.79
CA GLN B 172 -5.77 -2.91 7.67
C GLN B 172 -5.06 -1.89 6.77
N LYS B 173 -5.62 -1.64 5.58
CA LYS B 173 -4.88 -0.87 4.58
C LYS B 173 -4.83 0.61 4.96
N LEU B 174 -5.93 1.17 5.44
CA LEU B 174 -5.97 2.56 5.89
C LEU B 174 -5.65 2.74 7.37
N SER B 175 -5.47 1.63 8.12
CA SER B 175 -5.14 1.69 9.55
C SER B 175 -6.14 2.54 10.32
N ILE B 176 -7.42 2.29 10.03
CA ILE B 176 -8.53 2.99 10.67
C ILE B 176 -8.70 2.52 12.10
N ASP B 177 -8.85 3.46 13.03
CA ASP B 177 -9.40 3.10 14.33
C ASP B 177 -10.07 4.33 14.92
N PHE B 178 -11.37 4.23 15.16
CA PHE B 178 -12.15 5.39 15.54
C PHE B 178 -12.10 5.70 17.02
N SER B 179 -11.75 4.74 17.88
CA SER B 179 -11.54 5.10 19.27
C SER B 179 -10.29 5.96 19.41
N SER B 180 -9.24 5.69 18.62
CA SER B 180 -8.09 6.58 18.63
C SER B 180 -8.42 7.91 17.95
N THR B 181 -9.14 7.86 16.82
CA THR B 181 -9.45 9.06 16.07
C THR B 181 -10.31 10.02 16.89
N ARG B 182 -11.33 9.49 17.59
CA ARG B 182 -12.21 10.35 18.40
C ARG B 182 -11.48 10.92 19.61
N ALA B 183 -10.57 10.16 20.21
CA ALA B 183 -9.75 10.66 21.30
C ALA B 183 -8.97 11.90 20.88
N GLU B 184 -8.30 11.83 19.72
CA GLU B 184 -7.51 12.94 19.20
C GLU B 184 -8.36 14.05 18.60
N LYS B 185 -9.68 13.95 18.64
CA LYS B 185 -10.54 15.00 18.11
C LYS B 185 -10.32 15.21 16.62
N LYS B 186 -10.20 14.13 15.89
CA LYS B 186 -10.14 14.18 14.44
C LYS B 186 -11.46 13.71 13.85
N SER B 187 -11.78 14.24 12.67
CA SER B 187 -12.96 13.84 11.92
C SER B 187 -12.56 13.21 10.58
N VAL B 188 -13.47 12.40 10.06
CA VAL B 188 -13.17 11.54 8.93
C VAL B 188 -14.26 11.64 7.88
N TYR B 189 -13.84 11.99 6.66
CA TYR B 189 -14.68 12.06 5.49
C TYR B 189 -14.21 11.00 4.48
N LEU B 190 -15.12 10.18 4.02
CA LEU B 190 -14.80 9.12 3.06
C LEU B 190 -15.48 9.35 1.73
N ILE B 191 -14.73 9.11 0.64
CA ILE B 191 -15.28 9.14 -0.72
C ILE B 191 -14.93 7.84 -1.44
N ARG B 192 -15.89 7.32 -2.18
CA ARG B 192 -15.67 6.09 -2.92
C ARG B 192 -16.03 6.27 -4.38
N PHE B 193 -15.16 5.80 -5.27
CA PHE B 193 -15.49 5.65 -6.68
C PHE B 193 -15.48 4.17 -7.03
N LYS B 194 -16.55 3.66 -7.64
CA LYS B 194 -16.65 2.25 -7.97
C LYS B 194 -17.12 2.03 -9.41
N GLN B 195 -16.38 1.21 -10.15
CA GLN B 195 -16.78 0.76 -11.47
C GLN B 195 -17.05 -0.74 -11.44
N ILE B 196 -18.25 -1.14 -11.82
CA ILE B 196 -18.57 -2.54 -12.10
C ILE B 196 -18.32 -2.81 -13.60
N PHE B 197 -17.27 -3.57 -13.92
CA PHE B 197 -16.92 -3.87 -15.31
C PHE B 197 -17.86 -4.93 -15.89
N TYR B 198 -18.22 -5.94 -15.09
CA TYR B 198 -19.08 -7.04 -15.50
C TYR B 198 -19.54 -7.83 -14.26
N SER B 199 -20.70 -8.46 -14.40
CA SER B 199 -21.21 -9.42 -13.44
C SER B 199 -21.13 -10.86 -13.95
N VAL B 200 -21.23 -11.81 -13.02
CA VAL B 200 -21.13 -13.23 -13.33
C VAL B 200 -22.14 -13.92 -12.43
N SER B 201 -23.25 -14.39 -13.00
CA SER B 201 -24.32 -15.02 -12.25
C SER B 201 -24.30 -16.54 -12.44
N ALA B 202 -25.14 -17.23 -11.66
CA ALA B 202 -25.23 -18.68 -11.65
C ALA B 202 -26.70 -19.02 -11.47
N GLU B 203 -27.19 -20.00 -12.22
CA GLU B 203 -28.60 -20.37 -12.08
C GLU B 203 -28.70 -21.49 -11.05
N ARG B 204 -29.65 -21.35 -10.15
CA ARG B 204 -29.89 -22.34 -9.13
C ARG B 204 -30.88 -23.36 -9.68
N PRO B 205 -30.52 -24.65 -9.74
CA PRO B 205 -31.47 -25.67 -10.23
C PRO B 205 -32.74 -25.76 -9.38
N ALA B 206 -33.85 -26.17 -10.02
CA ALA B 206 -35.14 -26.25 -9.32
C ALA B 206 -35.09 -27.26 -8.19
N LYS B 207 -34.69 -28.51 -8.50
CA LYS B 207 -34.40 -29.56 -7.53
C LYS B 207 -33.06 -29.20 -6.88
N PRO B 208 -33.04 -28.46 -5.77
CA PRO B 208 -31.76 -27.91 -5.30
C PRO B 208 -30.67 -28.93 -5.18
N ALA B 209 -31.02 -30.17 -4.77
CA ALA B 209 -30.02 -31.23 -4.56
C ALA B 209 -29.18 -31.47 -5.80
N ASP B 210 -29.68 -31.06 -6.97
CA ASP B 210 -28.93 -31.23 -8.21
C ASP B 210 -27.52 -30.66 -8.12
N ILE B 211 -27.30 -29.68 -7.24
CA ILE B 211 -26.00 -29.05 -7.13
C ILE B 211 -24.95 -29.97 -6.51
N PHE B 212 -25.34 -31.01 -5.79
CA PHE B 212 -24.36 -31.88 -5.17
C PHE B 212 -24.08 -33.09 -6.07
N ALA B 213 -22.82 -33.51 -6.10
CA ALA B 213 -22.50 -34.81 -6.68
C ALA B 213 -23.39 -35.91 -6.07
N GLU B 214 -23.52 -37.01 -6.82
CA GLU B 214 -24.36 -38.09 -6.32
C GLU B 214 -23.75 -38.75 -5.08
N SER B 215 -22.44 -38.59 -4.86
CA SER B 215 -21.78 -39.20 -3.70
C SER B 215 -22.01 -38.44 -2.38
N THR B 216 -22.23 -37.12 -2.39
CA THR B 216 -22.39 -36.43 -1.11
C THR B 216 -23.77 -36.71 -0.50
N THR B 217 -23.75 -36.88 0.82
CA THR B 217 -24.92 -37.25 1.60
C THR B 217 -25.33 -36.07 2.47
N TRP B 218 -26.48 -36.24 3.13
CA TRP B 218 -26.91 -35.24 4.08
C TRP B 218 -25.92 -35.10 5.24
N GLU B 219 -25.24 -36.19 5.60
CA GLU B 219 -24.32 -36.14 6.74
C GLU B 219 -23.01 -35.45 6.37
N ASP B 220 -22.62 -35.48 5.10
CA ASP B 220 -21.50 -34.65 4.67
C ASP B 220 -21.83 -33.17 4.86
N LEU B 221 -23.12 -32.82 4.84
CA LEU B 221 -23.59 -31.44 4.92
C LEU B 221 -23.77 -30.96 6.37
N ALA B 222 -24.39 -31.79 7.22
CA ALA B 222 -24.42 -31.51 8.65
C ALA B 222 -23.00 -31.37 9.20
N ARG B 223 -22.05 -32.11 8.64
CA ARG B 223 -20.63 -31.99 8.94
C ARG B 223 -20.00 -30.70 8.39
N ALA B 224 -20.60 -30.09 7.34
CA ALA B 224 -20.21 -28.77 6.87
C ALA B 224 -20.80 -27.63 7.70
N GLY B 225 -21.76 -27.91 8.57
CA GLY B 225 -22.27 -26.92 9.48
C GLY B 225 -23.73 -26.57 9.26
N ILE B 226 -24.41 -27.37 8.44
CA ILE B 226 -25.76 -27.05 7.99
C ILE B 226 -26.73 -27.37 9.10
N SER B 227 -27.73 -26.50 9.26
CA SER B 227 -28.70 -26.55 10.34
C SER B 227 -29.98 -25.82 9.92
N GLU B 228 -30.93 -25.69 10.85
CA GLU B 228 -31.99 -24.70 10.69
C GLU B 228 -31.50 -23.30 11.08
N GLU B 229 -30.61 -23.20 12.07
CA GLU B 229 -29.99 -21.95 12.44
C GLU B 229 -28.95 -21.49 11.42
N HIS B 230 -28.55 -22.36 10.50
CA HIS B 230 -27.42 -22.09 9.61
C HIS B 230 -27.70 -22.66 8.21
N PRO B 231 -28.81 -22.27 7.59
CA PRO B 231 -29.19 -22.92 6.31
C PRO B 231 -28.15 -22.68 5.22
N PRO B 232 -28.24 -23.44 4.11
CA PRO B 232 -27.25 -23.27 3.03
C PRO B 232 -27.56 -22.07 2.14
N LEU B 233 -26.48 -21.45 1.67
CA LEU B 233 -26.59 -20.33 0.74
C LEU B 233 -25.95 -20.65 -0.60
N PHE B 234 -26.53 -20.05 -1.65
CA PHE B 234 -26.02 -20.11 -3.02
C PHE B 234 -25.63 -18.72 -3.54
N VAL B 235 -24.35 -18.55 -3.88
CA VAL B 235 -23.85 -17.30 -4.47
C VAL B 235 -24.39 -17.20 -5.89
N LYS B 236 -25.47 -16.46 -6.04
CA LYS B 236 -26.13 -16.30 -7.32
C LYS B 236 -25.45 -15.32 -8.28
N ASN B 237 -24.81 -14.26 -7.80
CA ASN B 237 -24.25 -13.25 -8.71
C ASN B 237 -23.11 -12.51 -8.04
N VAL B 238 -22.06 -12.23 -8.83
CA VAL B 238 -20.89 -11.52 -8.33
C VAL B 238 -20.50 -10.39 -9.28
N GLN B 239 -20.35 -9.18 -8.72
CA GLN B 239 -19.98 -8.00 -9.49
C GLN B 239 -18.48 -7.82 -9.39
N TYR B 240 -17.82 -7.59 -10.54
CA TYR B 240 -16.38 -7.44 -10.67
C TYR B 240 -16.05 -6.04 -11.19
N GLY B 241 -14.93 -5.48 -10.73
CA GLY B 241 -14.58 -4.16 -11.19
C GLY B 241 -13.44 -3.52 -10.46
N ARG B 242 -13.60 -2.24 -10.13
CA ARG B 242 -12.53 -1.55 -9.43
C ARG B 242 -13.17 -0.56 -8.47
N GLN B 243 -12.48 -0.28 -7.38
CA GLN B 243 -13.02 0.52 -6.33
C GLN B 243 -11.89 1.31 -5.72
N ILE B 244 -12.11 2.58 -5.46
CA ILE B 244 -11.12 3.35 -4.73
C ILE B 244 -11.83 4.14 -3.62
N PHE B 245 -11.16 4.23 -2.47
CA PHE B 245 -11.60 4.96 -1.28
C PHE B 245 -10.61 6.08 -1.09
N LEU B 246 -11.11 7.30 -0.86
CA LEU B 246 -10.29 8.40 -0.40
C LEU B 246 -10.73 8.79 1.01
N LYS B 247 -9.80 8.75 1.96
CA LYS B 247 -10.09 9.02 3.36
C LYS B 247 -9.50 10.39 3.67
N PHE B 248 -10.34 11.32 4.10
CA PHE B 248 -9.92 12.69 4.46
C PHE B 248 -10.03 12.79 5.97
N GLU B 249 -8.93 13.10 6.64
CA GLU B 249 -8.83 13.09 8.10
C GLU B 249 -8.30 14.45 8.53
N SER B 250 -8.86 14.98 9.62
CA SER B 250 -8.54 16.36 9.99
C SER B 250 -8.86 16.65 11.45
N LYS B 251 -8.09 17.57 12.03
CA LYS B 251 -8.49 18.17 13.29
C LYS B 251 -9.53 19.27 13.11
N LEU B 252 -9.86 19.65 11.88
CA LEU B 252 -11.02 20.50 11.68
C LEU B 252 -12.28 19.76 12.14
N SER B 253 -13.36 20.52 12.32
CA SER B 253 -14.61 19.94 12.74
C SER B 253 -15.22 19.17 11.58
N SER B 254 -16.13 18.28 11.93
CA SER B 254 -16.96 17.57 10.99
C SER B 254 -17.63 18.49 9.99
N THR B 255 -18.42 19.43 10.47
CA THR B 255 -19.11 20.39 9.60
C THR B 255 -18.13 21.00 8.59
N GLU B 256 -16.99 21.51 9.08
CA GLU B 256 -16.02 22.21 8.24
C GLU B 256 -15.26 21.24 7.31
N LEU B 257 -14.98 20.04 7.78
CA LEU B 257 -14.37 19.06 6.87
C LEU B 257 -15.34 18.69 5.74
N GLU B 258 -16.58 18.34 6.08
CA GLU B 258 -17.54 18.07 5.04
C GLU B 258 -17.65 19.22 4.06
N THR B 259 -17.83 20.44 4.56
CA THR B 259 -18.06 21.58 3.67
C THR B 259 -16.87 21.83 2.75
N THR B 260 -15.64 21.61 3.25
CA THR B 260 -14.45 21.84 2.45
C THR B 260 -14.30 20.77 1.37
N ILE B 261 -14.54 19.50 1.72
CA ILE B 261 -14.40 18.41 0.76
C ILE B 261 -15.52 18.45 -0.26
N LYS B 262 -16.75 18.63 0.19
CA LYS B 262 -17.88 18.68 -0.74
C LYS B 262 -17.68 19.77 -1.78
N GLY B 263 -16.99 20.85 -1.43
CA GLY B 263 -16.74 21.89 -2.39
C GLY B 263 -15.52 21.67 -3.26
N THR B 264 -14.69 20.67 -2.99
CA THR B 264 -13.54 20.45 -3.83
C THR B 264 -13.52 19.04 -4.44
N CYS B 265 -14.58 18.27 -4.25
CA CYS B 265 -14.67 16.94 -4.82
C CYS B 265 -16.05 16.72 -5.43
N SER B 266 -16.06 15.95 -6.49
CA SER B 266 -17.27 15.61 -7.23
C SER B 266 -17.05 14.24 -7.91
N LYS B 267 -18.07 13.76 -8.63
CA LYS B 267 -17.99 12.53 -9.40
C LYS B 267 -16.88 12.57 -10.44
N ASP B 268 -16.33 13.76 -10.70
CA ASP B 268 -15.25 13.94 -11.64
C ASP B 268 -13.89 13.92 -10.98
N GLY B 269 -13.82 14.00 -9.65
CA GLY B 269 -12.57 14.04 -8.92
C GLY B 269 -12.44 15.32 -8.11
N LEU B 270 -11.18 15.69 -7.85
CA LEU B 270 -10.87 16.88 -7.06
C LEU B 270 -10.55 18.07 -7.95
N LYS B 271 -11.09 19.24 -7.58
CA LYS B 271 -10.82 20.52 -8.22
C LYS B 271 -10.48 21.54 -7.13
N ILE B 272 -9.28 22.11 -7.18
CA ILE B 272 -8.95 23.23 -6.32
C ILE B 272 -8.63 24.42 -7.21
N ASP B 273 -9.30 25.55 -6.97
CA ASP B 273 -9.06 26.75 -7.77
C ASP B 273 -7.69 27.34 -7.43
N ALA B 274 -6.89 27.65 -8.46
CA ALA B 274 -5.54 28.18 -8.24
C ALA B 274 -5.58 29.52 -7.47
N ASN B 275 -6.64 30.28 -7.69
CA ASN B 275 -6.94 31.52 -6.98
C ASN B 275 -7.85 31.21 -5.78
N ALA B 276 -7.28 30.62 -4.75
CA ALA B 276 -8.08 30.20 -3.61
C ALA B 276 -7.93 31.18 -2.46
N SER B 277 -9.02 31.45 -1.76
CA SER B 277 -8.95 32.34 -0.61
C SER B 277 -7.97 31.80 0.43
N ALA B 278 -7.32 32.73 1.13
CA ALA B 278 -6.35 32.33 2.13
C ALA B 278 -7.02 31.56 3.26
N ALA B 279 -8.31 31.85 3.52
CA ALA B 279 -9.06 31.06 4.48
C ALA B 279 -9.20 29.63 4.00
N LEU B 280 -9.62 29.46 2.74
CA LEU B 280 -9.83 28.13 2.18
C LEU B 280 -8.54 27.31 2.13
N LYS B 281 -7.42 27.95 1.78
CA LYS B 281 -6.16 27.23 1.69
C LYS B 281 -5.65 26.78 3.05
N GLU B 282 -5.90 27.55 4.12
CA GLU B 282 -5.36 27.05 5.37
C GLU B 282 -6.16 25.85 5.89
N LYS B 283 -7.44 25.74 5.54
CA LYS B 283 -8.23 24.58 5.96
C LYS B 283 -7.78 23.33 5.21
N LEU B 284 -7.61 23.45 3.88
CA LEU B 284 -7.09 22.37 3.06
C LEU B 284 -5.72 21.94 3.54
N SER B 285 -4.93 22.87 4.09
CA SER B 285 -3.61 22.53 4.60
C SER B 285 -3.70 21.67 5.85
N GLN B 286 -4.88 21.53 6.44
CA GLN B 286 -5.03 20.72 7.64
C GLN B 286 -5.72 19.40 7.35
N ILE B 287 -5.77 19.00 6.09
CA ILE B 287 -6.45 17.77 5.69
C ILE B 287 -5.42 16.78 5.17
N ASP B 288 -5.36 15.61 5.81
CA ASP B 288 -4.50 14.53 5.37
C ASP B 288 -5.29 13.48 4.56
N VAL B 289 -4.75 13.08 3.42
CA VAL B 289 -5.45 12.23 2.48
C VAL B 289 -4.76 10.88 2.39
N SER B 290 -5.53 9.82 2.61
CA SER B 290 -5.13 8.43 2.46
C SER B 290 -5.96 7.83 1.34
N ILE B 291 -5.42 6.83 0.62
CA ILE B 291 -6.14 6.24 -0.50
C ILE B 291 -5.92 4.73 -0.55
N VAL B 292 -7.00 3.98 -0.76
CA VAL B 292 -6.92 2.55 -1.00
C VAL B 292 -7.50 2.23 -2.37
N VAL B 293 -6.72 1.59 -3.23
CA VAL B 293 -7.18 1.17 -4.55
C VAL B 293 -7.27 -0.34 -4.58
N HIS B 294 -8.45 -0.85 -4.90
CA HIS B 294 -8.73 -2.28 -4.97
C HIS B 294 -9.17 -2.59 -6.41
N GLY B 295 -8.31 -3.11 -7.23
CA GLY B 295 -8.72 -3.61 -8.54
C GLY B 295 -7.89 -4.81 -8.92
N GLY B 296 -7.54 -4.92 -10.21
CA GLY B 296 -6.54 -5.90 -10.60
C GLY B 296 -5.18 -5.58 -10.00
N SER B 297 -4.80 -4.31 -9.95
CA SER B 297 -3.72 -3.90 -9.07
C SER B 297 -4.32 -3.24 -7.81
N GLU B 298 -3.67 -3.51 -6.69
CA GLU B 298 -3.93 -2.92 -5.40
C GLU B 298 -2.91 -1.84 -5.20
N ALA B 299 -3.27 -0.86 -4.39
CA ALA B 299 -2.34 0.19 -4.03
C ALA B 299 -2.88 0.89 -2.78
N VAL B 300 -1.97 1.38 -1.95
CA VAL B 300 -2.36 2.18 -0.79
C VAL B 300 -1.44 3.38 -0.76
N TYR B 301 -2.02 4.55 -0.58
CA TYR B 301 -1.26 5.78 -0.43
C TYR B 301 -1.60 6.42 0.91
N ASN B 302 -0.59 6.92 1.64
CA ASN B 302 -0.79 7.60 2.91
C ASN B 302 -0.11 8.95 2.85
N GLY B 303 -0.65 9.91 3.58
CA GLY B 303 0.03 11.18 3.75
C GLY B 303 0.05 12.06 2.52
N LEU B 304 -0.91 11.91 1.64
CA LEU B 304 -1.02 12.90 0.58
C LEU B 304 -1.69 14.17 1.12
N SER B 305 -1.47 15.26 0.40
CA SER B 305 -1.86 16.58 0.83
C SER B 305 -2.65 17.19 -0.31
N LEU B 306 -3.23 18.37 -0.05
CA LEU B 306 -4.07 19.05 -1.03
C LEU B 306 -3.64 20.50 -1.27
N ASN B 307 -2.34 20.78 -1.20
CA ASN B 307 -1.89 22.17 -1.05
C ASN B 307 -1.28 22.74 -2.29
N SER B 308 -1.23 21.97 -3.37
CA SER B 308 -0.67 22.43 -4.62
C SER B 308 -1.42 21.75 -5.75
N ASP B 310 -0.10 20.25 -8.22
CA ASP B 310 0.50 18.95 -8.49
C ASP B 310 -0.01 17.86 -7.54
N ASP B 311 -0.33 18.22 -6.29
CA ASP B 311 -0.94 17.24 -5.39
C ASP B 311 -2.30 16.85 -5.92
N VAL B 312 -3.08 17.81 -6.39
CA VAL B 312 -4.42 17.50 -6.88
C VAL B 312 -4.35 16.66 -8.13
N GLN B 313 -3.45 17.02 -9.07
CA GLN B 313 -3.26 16.20 -10.28
C GLN B 313 -2.95 14.74 -9.94
N LYS B 314 -1.95 14.52 -9.09
CA LYS B 314 -1.58 13.16 -8.70
C LYS B 314 -2.81 12.39 -8.24
N ILE B 315 -3.64 13.01 -7.43
CA ILE B 315 -4.80 12.30 -6.89
C ILE B 315 -5.81 12.00 -7.97
N ASN B 316 -6.05 12.95 -8.90
CA ASN B 316 -7.05 12.68 -9.92
C ASN B 316 -6.57 11.60 -10.87
N ARG B 317 -5.27 11.49 -11.05
CA ARG B 317 -4.68 10.45 -11.86
C ARG B 317 -4.81 9.08 -11.20
N ILE B 318 -4.64 9.01 -9.88
CA ILE B 318 -4.91 7.75 -9.16
C ILE B 318 -6.37 7.35 -9.33
N ILE B 319 -7.28 8.29 -9.16
CA ILE B 319 -8.71 8.00 -9.24
C ILE B 319 -9.06 7.41 -10.60
N TRP B 320 -8.55 7.99 -11.67
CA TRP B 320 -9.02 7.57 -12.99
C TRP B 320 -8.15 6.47 -13.65
N ASP B 321 -6.99 6.17 -13.10
CA ASP B 321 -6.21 5.03 -13.58
C ASP B 321 -7.01 3.73 -13.54
N ASN B 322 -6.96 3.00 -14.67
CA ASN B 322 -7.45 1.64 -14.79
C ASN B 322 -8.94 1.51 -14.56
N THR B 323 -9.71 2.48 -15.05
CA THR B 323 -11.15 2.50 -14.81
C THR B 323 -11.92 1.98 -16.01
N LEU B 324 -11.22 1.48 -16.98
CA LEU B 324 -11.79 0.83 -18.13
C LEU B 324 -11.32 -0.62 -18.12
N LEU B 325 -12.22 -1.51 -18.49
CA LEU B 325 -11.87 -2.91 -18.62
C LEU B 325 -10.98 -3.12 -19.84
N SER B 326 -9.92 -3.87 -19.64
CA SER B 326 -8.92 -4.13 -20.64
C SER B 326 -8.49 -5.59 -20.48
N ARG B 327 -7.70 -6.06 -21.44
CA ARG B 327 -7.12 -7.40 -21.36
C ARG B 327 -6.10 -7.49 -20.24
N THR B 328 -5.26 -6.46 -20.15
CA THR B 328 -4.18 -6.25 -19.17
C THR B 328 -4.64 -5.72 -17.81
N ASN B 329 -5.90 -5.30 -17.66
CA ASN B 329 -6.38 -4.60 -16.46
C ASN B 329 -7.43 -5.52 -15.87
N THR B 330 -6.98 -6.48 -15.05
CA THR B 330 -7.88 -7.44 -14.42
C THR B 330 -8.96 -6.74 -13.60
N ALA B 331 -10.18 -7.21 -13.71
CA ALA B 331 -11.19 -6.86 -12.73
C ALA B 331 -10.99 -7.62 -11.41
N ALA B 332 -11.56 -7.06 -10.34
CA ALA B 332 -11.51 -7.66 -9.01
C ALA B 332 -12.93 -7.82 -8.48
N PRO B 333 -13.21 -8.89 -7.70
CA PRO B 333 -14.57 -9.08 -7.17
C PRO B 333 -14.90 -8.04 -6.09
N LEU B 334 -16.13 -7.52 -6.14
CA LEU B 334 -16.53 -6.39 -5.30
C LEU B 334 -17.65 -6.73 -4.35
N ASN B 335 -18.81 -7.11 -4.86
CA ASN B 335 -20.01 -7.41 -4.11
C ASN B 335 -20.60 -8.70 -4.67
N TYR B 336 -21.35 -9.42 -3.82
CA TYR B 336 -21.91 -10.72 -4.17
C TYR B 336 -23.26 -10.85 -3.48
N TYR B 337 -24.12 -11.61 -4.12
CA TYR B 337 -25.53 -11.70 -3.80
C TYR B 337 -25.84 -13.17 -3.62
N THR B 338 -26.67 -13.48 -2.63
CA THR B 338 -26.90 -14.85 -2.22
C THR B 338 -28.39 -15.13 -2.21
N VAL B 339 -28.73 -16.41 -2.45
CA VAL B 339 -30.07 -16.91 -2.23
C VAL B 339 -30.02 -18.10 -1.26
N PHE B 340 -31.14 -18.33 -0.60
CA PHE B 340 -31.27 -19.57 0.16
C PHE B 340 -31.46 -20.73 -0.82
N LEU B 341 -30.59 -21.73 -0.68
CA LEU B 341 -30.53 -22.81 -1.65
C LEU B 341 -31.87 -23.49 -1.86
N LYS B 342 -32.69 -23.56 -0.80
CA LYS B 342 -33.92 -24.34 -0.85
C LYS B 342 -34.91 -23.71 -1.83
N ASP B 343 -35.38 -22.51 -1.55
CA ASP B 343 -36.42 -21.96 -2.39
C ASP B 343 -35.91 -20.88 -3.29
N GLY B 344 -34.85 -20.15 -2.90
CA GLY B 344 -34.22 -19.23 -3.81
C GLY B 344 -34.49 -17.78 -3.52
N VAL B 345 -35.26 -17.46 -2.48
CA VAL B 345 -35.48 -16.06 -2.16
C VAL B 345 -34.18 -15.44 -1.67
N SER B 346 -34.13 -14.11 -1.81
CA SER B 346 -32.91 -13.34 -1.55
C SER B 346 -32.50 -13.46 -0.09
N ALA B 347 -31.22 -13.69 0.13
CA ALA B 347 -30.68 -13.58 1.47
C ALA B 347 -30.21 -12.16 1.79
N GLY B 348 -30.80 -11.15 1.14
CA GLY B 348 -30.32 -9.78 1.30
C GLY B 348 -30.94 -9.14 2.54
N VAL B 349 -30.12 -8.42 3.30
CA VAL B 349 -30.55 -7.86 4.58
C VAL B 349 -30.56 -6.34 4.54
N HIS B 350 -31.53 -5.77 5.26
CA HIS B 350 -31.62 -4.37 5.64
C HIS B 350 -30.78 -4.14 6.90
N GLY B 351 -30.19 -2.97 7.01
CA GLY B 351 -29.32 -2.66 8.12
C GLY B 351 -29.68 -1.33 8.71
N THR B 352 -29.40 -1.20 10.03
CA THR B 352 -29.57 0.01 10.82
C THR B 352 -28.37 0.20 11.72
N THR B 353 -27.92 1.43 11.87
CA THR B 353 -26.85 1.71 12.82
C THR B 353 -27.02 3.10 13.38
N GLU B 354 -26.63 3.27 14.64
CA GLU B 354 -26.72 4.54 15.35
C GLU B 354 -25.35 5.20 15.40
N TYR B 355 -25.36 6.54 15.42
CA TYR B 355 -24.13 7.32 15.48
C TYR B 355 -24.43 8.67 16.09
N VAL B 356 -23.37 9.38 16.45
CA VAL B 356 -23.50 10.72 17.00
C VAL B 356 -22.96 11.71 15.96
N ALA B 357 -23.84 12.57 15.47
CA ALA B 357 -23.47 13.62 14.51
C ALA B 357 -23.08 14.88 15.29
N GLU B 358 -22.07 15.59 14.80
CA GLU B 358 -21.47 16.71 15.51
C GLU B 358 -21.56 17.91 14.58
N LYS B 359 -22.40 18.87 14.95
CA LYS B 359 -22.59 20.08 14.15
C LYS B 359 -21.88 21.24 14.85
N THR B 360 -20.94 21.86 14.15
CA THR B 360 -20.18 22.99 14.66
C THR B 360 -20.46 24.26 13.86
N GLU B 361 -20.82 25.33 14.56
CA GLU B 361 -21.00 26.64 13.95
C GLU B 361 -19.97 27.63 14.45
N ARG B 362 -19.45 28.45 13.54
CA ARG B 362 -18.40 29.42 13.85
C ARG B 362 -18.94 30.84 13.62
N TYR B 363 -18.84 31.66 14.64
CA TYR B 363 -19.38 33.03 14.64
C TYR B 363 -18.21 33.97 14.85
N SER B 364 -17.85 34.68 13.79
CA SER B 364 -16.72 35.57 13.84
C SER B 364 -17.09 36.79 14.67
N GLY B 365 -16.07 37.45 15.21
CA GLY B 365 -16.24 38.70 15.87
C GLY B 365 -16.54 39.83 14.90
N GLY B 366 -16.55 41.03 15.46
CA GLY B 366 -16.87 42.20 14.67
C GLY B 366 -16.75 43.47 15.49
N GLU B 367 -16.87 44.57 14.79
CA GLU B 367 -16.73 45.89 15.38
C GLU B 367 -17.96 46.70 15.00
N ILE B 368 -18.31 47.66 15.85
CA ILE B 368 -19.23 48.73 15.52
C ILE B 368 -18.44 50.02 15.65
N ARG B 369 -18.36 50.77 14.56
CA ARG B 369 -17.74 52.09 14.55
C ARG B 369 -18.82 53.15 14.56
N LEU B 370 -18.68 54.10 15.48
CA LEU B 370 -19.59 55.22 15.65
C LEU B 370 -18.90 56.51 15.24
N GLU B 371 -19.57 57.30 14.44
CA GLU B 371 -18.97 58.50 13.92
C GLU B 371 -19.98 59.62 14.04
N HIS B 372 -19.55 60.74 14.60
CA HIS B 372 -20.40 61.91 14.78
C HIS B 372 -19.75 63.16 14.18
N SER B 373 -20.41 63.75 13.19
CA SER B 373 -19.92 64.94 12.53
C SER B 373 -20.83 66.14 12.64
N GLY B 374 -22.03 66.01 13.18
CA GLY B 374 -22.95 67.10 13.05
C GLY B 374 -22.71 68.24 14.05
N TRP B 375 -23.41 69.34 13.78
CA TRP B 375 -23.31 70.57 14.59
C TRP B 375 -24.39 70.51 15.67
N TYR B 376 -24.22 69.58 16.60
CA TYR B 376 -25.20 69.40 17.65
C TYR B 376 -24.63 68.35 18.63
N VAL B 377 -25.25 68.24 19.77
CA VAL B 377 -24.85 67.27 20.78
C VAL B 377 -25.67 66.05 20.49
N ALA B 378 -24.98 64.92 20.40
CA ALA B 378 -25.60 63.64 20.13
C ALA B 378 -25.37 62.71 21.30
N ARG B 379 -26.20 61.66 21.39
CA ARG B 379 -25.87 60.48 22.17
C ARG B 379 -26.16 59.19 21.40
N PHE B 380 -25.32 58.18 21.62
CA PHE B 380 -25.50 56.87 21.03
C PHE B 380 -25.96 55.88 22.10
N THR B 381 -26.75 54.90 21.67
CA THR B 381 -27.12 53.78 22.53
C THR B 381 -26.92 52.48 21.79
N VAL B 382 -26.00 51.66 22.27
CA VAL B 382 -25.75 50.37 21.67
C VAL B 382 -25.97 49.26 22.70
N THR B 383 -26.86 48.31 22.35
CA THR B 383 -27.05 47.10 23.14
C THR B 383 -27.03 45.84 22.26
N TRP B 384 -26.89 44.69 22.93
CA TRP B 384 -26.77 43.39 22.30
C TRP B 384 -27.04 42.35 23.37
N ASP B 385 -27.25 41.11 22.95
CA ASP B 385 -27.23 39.98 23.86
C ASP B 385 -25.97 39.15 23.65
N GLU B 386 -25.46 38.61 24.75
CA GLU B 386 -24.24 37.81 24.73
C GLU B 386 -24.63 36.38 25.08
N ILE B 387 -24.30 35.42 24.21
CA ILE B 387 -24.76 34.04 24.35
C ILE B 387 -23.69 33.23 25.07
N SER B 388 -24.14 32.30 25.91
CA SER B 388 -23.30 31.33 26.59
C SER B 388 -24.02 29.99 26.70
N TYR B 389 -23.26 28.91 26.69
CA TYR B 389 -23.79 27.57 26.98
C TYR B 389 -23.09 27.10 28.24
N GLU B 390 -23.86 26.86 29.29
CA GLU B 390 -23.31 26.45 30.57
C GLU B 390 -24.34 25.50 31.19
N ASN B 391 -23.86 24.31 31.64
CA ASN B 391 -24.77 23.24 32.02
C ASN B 391 -25.44 22.80 30.73
N GLY B 392 -26.75 22.61 30.74
CA GLY B 392 -27.42 22.39 29.47
C GLY B 392 -28.24 23.59 29.04
N LEU B 393 -27.80 24.76 29.47
CA LEU B 393 -28.57 25.98 29.35
C LEU B 393 -27.98 26.90 28.30
N LYS B 394 -28.80 27.35 27.38
CA LYS B 394 -28.43 28.49 26.54
C LYS B 394 -28.68 29.76 27.37
N VAL B 395 -27.65 30.44 27.79
CA VAL B 395 -27.80 31.65 28.61
C VAL B 395 -27.64 32.89 27.73
N ILE B 396 -28.55 33.85 27.91
CA ILE B 396 -28.59 35.09 27.12
C ILE B 396 -28.50 36.22 28.11
N ARG B 397 -27.40 36.96 28.06
CA ARG B 397 -27.19 38.10 28.93
C ARG B 397 -27.28 39.40 28.14
N HIS B 398 -28.24 40.25 28.54
CA HIS B 398 -28.38 41.57 27.95
C HIS B 398 -27.22 42.46 28.37
N LYS B 399 -26.57 43.09 27.39
CA LYS B 399 -25.38 43.89 27.61
C LYS B 399 -25.54 45.23 26.93
N GLY B 400 -24.86 46.24 27.48
CA GLY B 400 -24.92 47.61 26.96
C GLY B 400 -23.54 48.20 26.86
N TRP B 401 -23.32 49.03 25.84
CA TRP B 401 -22.04 49.72 25.73
C TRP B 401 -21.87 50.71 26.87
N GLU B 402 -20.66 50.73 27.43
CA GLU B 402 -20.32 51.63 28.54
C GLU B 402 -20.70 53.07 28.24
N GLY B 403 -20.58 53.53 26.98
CA GLY B 403 -20.82 54.91 26.60
C GLY B 403 -22.26 55.30 26.34
N ASN B 404 -23.19 54.43 26.64
CA ASN B 404 -24.58 54.68 26.32
C ASN B 404 -25.11 55.91 27.04
N GLY B 405 -25.91 56.68 26.34
CA GLY B 405 -26.62 57.78 26.93
C GLY B 405 -25.80 59.04 27.13
N LYS B 406 -24.49 58.96 26.94
CA LYS B 406 -23.60 60.08 27.23
C LYS B 406 -23.54 61.10 26.07
N ASP B 407 -23.68 62.37 26.43
CA ASP B 407 -23.61 63.46 25.46
C ASP B 407 -22.29 63.41 24.74
N ARG B 408 -22.33 63.54 23.42
CA ARG B 408 -21.16 63.50 22.57
C ARG B 408 -21.13 64.76 21.72
N THR B 409 -20.00 65.44 21.67
CA THR B 409 -19.86 66.59 20.79
C THR B 409 -18.89 66.27 19.66
N ALA B 410 -19.17 66.84 18.54
CA ALA B 410 -18.48 66.55 17.30
C ALA B 410 -17.12 67.27 17.25
N PRO B 411 -16.12 66.70 16.59
CA PRO B 411 -16.06 65.32 16.04
C PRO B 411 -15.90 64.27 17.18
N PHE B 412 -16.61 63.16 17.03
CA PHE B 412 -16.50 62.01 17.89
C PHE B 412 -16.40 60.82 16.95
N SER B 413 -15.56 59.88 17.35
CA SER B 413 -15.36 58.63 16.63
C SER B 413 -14.99 57.63 17.72
N THR B 414 -15.52 56.42 17.60
CA THR B 414 -15.02 55.33 18.45
C THR B 414 -15.46 54.00 17.87
N THR B 415 -14.84 52.93 18.39
CA THR B 415 -15.07 51.55 17.94
C THR B 415 -15.39 50.70 19.16
N ILE B 416 -16.45 49.89 19.06
CA ILE B 416 -16.85 48.91 20.05
C ILE B 416 -16.52 47.52 19.50
N PRO B 417 -15.50 46.85 20.01
CA PRO B 417 -15.27 45.45 19.56
C PRO B 417 -16.18 44.43 20.26
N LEU B 418 -16.68 43.46 19.48
CA LEU B 418 -17.48 42.37 20.05
C LEU B 418 -16.98 41.02 19.56
N ARG B 419 -17.04 40.00 20.44
CA ARG B 419 -16.77 38.63 20.02
C ARG B 419 -18.04 37.99 19.49
N GLY B 420 -17.88 36.80 18.89
CA GLY B 420 -18.94 36.17 18.10
C GLY B 420 -20.11 35.65 18.90
N ASN B 421 -20.04 35.68 20.21
CA ASN B 421 -21.26 35.37 20.98
C ASN B 421 -22.19 36.56 21.11
N ALA B 422 -21.85 37.72 20.57
CA ALA B 422 -22.77 38.83 20.57
C ALA B 422 -23.81 38.67 19.47
N ARG B 423 -25.07 38.90 19.82
CA ARG B 423 -26.18 38.83 18.89
C ARG B 423 -27.17 39.95 19.14
N ASN B 424 -28.04 40.19 18.15
CA ASN B 424 -29.22 40.99 18.40
C ASN B 424 -28.89 42.45 18.71
N ILE B 425 -28.08 43.07 17.84
CA ILE B 425 -27.54 44.39 18.08
C ILE B 425 -28.59 45.43 17.80
N SER B 426 -28.71 46.42 18.67
CA SER B 426 -29.55 47.58 18.41
C SER B 426 -28.73 48.83 18.62
N ILE B 427 -29.01 49.84 17.82
CA ILE B 427 -28.21 51.06 17.79
C ILE B 427 -29.20 52.19 17.66
N LYS B 428 -29.15 53.15 18.59
CA LYS B 428 -30.01 54.33 18.59
C LYS B 428 -29.13 55.58 18.59
N THR B 429 -29.43 56.50 17.70
CA THR B 429 -28.67 57.74 17.60
C THR B 429 -29.65 58.86 17.80
N GLU B 430 -29.31 59.79 18.66
CA GLU B 430 -30.22 60.88 18.97
C GLU B 430 -29.49 62.18 18.79
N GLY B 431 -30.23 63.21 18.43
CA GLY B 431 -29.62 64.52 18.35
C GLY B 431 -30.38 65.62 19.06
N CYS B 432 -29.65 66.44 19.83
CA CYS B 432 -30.31 67.55 20.55
C CYS B 432 -30.58 68.76 19.65
N THR B 433 -31.86 69.06 19.40
CA THR B 433 -32.28 70.15 18.53
C THR B 433 -32.12 71.54 19.16
N GLY B 434 -31.95 71.62 20.48
CA GLY B 434 -31.94 72.91 21.16
C GLY B 434 -33.29 73.51 21.46
N LEU B 435 -34.37 72.83 21.07
CA LEU B 435 -35.73 73.31 21.24
C LEU B 435 -36.37 72.59 22.42
N ALA B 436 -36.96 73.37 23.34
CA ALA B 436 -37.58 72.76 24.51
C ALA B 436 -38.74 71.84 24.10
N TRP B 437 -39.50 72.26 23.09
CA TRP B 437 -40.55 71.45 22.51
C TRP B 437 -40.08 70.00 22.34
N GLU B 438 -38.96 69.82 21.61
CA GLU B 438 -38.47 68.53 21.13
C GLU B 438 -36.97 68.45 21.41
N TRP B 439 -36.60 68.38 22.68
CA TRP B 439 -35.18 68.51 23.02
C TRP B 439 -34.34 67.49 22.26
N TRP B 440 -34.76 66.23 22.29
CA TRP B 440 -34.01 65.14 21.69
C TRP B 440 -34.77 64.58 20.51
N ARG B 441 -34.09 64.43 19.39
CA ARG B 441 -34.72 63.86 18.21
C ARG B 441 -33.97 62.60 17.79
N THR B 442 -34.72 61.55 17.48
CA THR B 442 -34.09 60.29 17.09
C THR B 442 -33.86 60.29 15.59
N SER B 443 -32.63 60.03 15.21
CA SER B 443 -32.22 60.09 13.80
C SER B 443 -32.00 58.72 13.18
N GLY B 444 -31.77 57.68 13.97
CA GLY B 444 -31.67 56.32 13.50
C GLY B 444 -31.92 55.40 14.67
N TYR B 445 -32.71 54.35 14.44
CA TYR B 445 -33.00 53.34 15.47
C TYR B 445 -32.92 51.96 14.78
N LYS B 446 -31.90 51.18 14.96
CA LYS B 446 -31.92 49.92 14.22
C LYS B 446 -31.88 48.85 15.28
N VAL B 447 -32.80 47.86 15.22
CA VAL B 447 -32.79 46.78 16.21
C VAL B 447 -32.63 45.41 15.51
N GLY B 448 -32.43 44.40 16.35
CA GLY B 448 -32.34 43.03 15.87
C GLY B 448 -31.34 42.84 14.74
N ARG B 449 -30.25 43.56 14.79
CA ARG B 449 -29.22 43.42 13.77
C ARG B 449 -28.20 42.31 14.10
N ALA B 450 -27.59 41.81 13.05
CA ALA B 450 -26.57 40.77 13.16
C ALA B 450 -25.19 41.38 13.39
N LEU B 451 -24.34 40.60 14.04
CA LEU B 451 -22.94 40.97 14.22
C LEU B 451 -22.16 40.71 12.93
N VAL B 452 -21.82 41.78 12.23
CA VAL B 452 -21.06 41.72 10.97
C VAL B 452 -19.64 42.14 11.32
N PRO B 453 -18.68 41.86 10.44
CA PRO B 453 -17.27 42.20 10.77
C PRO B 453 -17.06 43.68 11.00
N LEU B 454 -17.83 44.55 10.33
CA LEU B 454 -17.74 45.99 10.51
C LEU B 454 -19.11 46.59 10.21
N ARG B 455 -19.67 47.28 11.21
CA ARG B 455 -20.88 48.07 11.07
C ARG B 455 -20.51 49.50 11.42
N THR B 456 -20.70 50.41 10.48
CA THR B 456 -20.37 51.81 10.62
C THR B 456 -21.66 52.60 10.75
N VAL B 457 -21.74 53.44 11.77
CA VAL B 457 -22.88 54.31 12.02
C VAL B 457 -22.36 55.74 12.01
N SER B 458 -22.87 56.54 11.09
CA SER B 458 -22.41 57.91 10.91
C SER B 458 -23.59 58.87 11.04
N ILE B 459 -23.40 59.90 11.83
CA ILE B 459 -24.44 60.90 11.95
C ILE B 459 -23.82 62.25 11.65
N GLY B 460 -24.58 63.13 11.01
CA GLY B 460 -24.11 64.47 10.79
C GLY B 460 -25.23 65.44 10.62
N GLY B 461 -24.88 66.54 9.96
CA GLY B 461 -25.88 67.56 9.68
C GLY B 461 -26.00 68.62 10.75
N THR B 462 -27.17 69.19 10.94
CA THR B 462 -27.42 70.19 11.93
C THR B 462 -28.59 69.78 12.79
N THR B 463 -28.89 70.67 13.76
CA THR B 463 -29.92 70.39 14.78
C THR B 463 -31.28 70.07 14.19
N LEU B 464 -31.65 70.72 13.08
CA LEU B 464 -32.99 70.56 12.55
C LEU B 464 -33.00 69.76 11.27
N HIS B 465 -31.82 69.25 10.86
CA HIS B 465 -31.61 68.43 9.67
C HIS B 465 -30.51 67.43 10.07
N GLN B 466 -30.88 66.40 10.83
CA GLN B 466 -29.93 65.38 11.29
C GLN B 466 -29.80 64.27 10.25
N THR B 467 -28.58 64.01 9.81
CA THR B 467 -28.36 62.99 8.81
C THR B 467 -27.89 61.70 9.49
N PHE B 468 -28.20 60.56 8.86
CA PHE B 468 -27.89 59.28 9.43
C PHE B 468 -27.61 58.31 8.30
N SER B 469 -26.51 57.56 8.41
CA SER B 469 -26.20 56.47 7.49
C SER B 469 -25.68 55.28 8.27
N THR B 471 -23.81 51.47 7.47
CA THR B 471 -23.21 50.53 6.52
C THR B 471 -22.74 49.27 7.23
N PRO B 472 -23.21 48.05 6.81
CA PRO B 472 -24.20 47.73 5.78
C PRO B 472 -25.55 48.27 6.19
N ALA B 473 -26.34 48.79 5.28
CA ALA B 473 -27.66 49.35 5.67
C ALA B 473 -28.37 48.08 5.94
N ASP B 474 -29.01 47.56 7.03
CA ASP B 474 -29.56 46.08 6.95
C ASP B 474 -28.43 45.09 7.28
#